data_9MQP
#
_entry.id   9MQP
#
_cell.length_a   48.168
_cell.length_b   54.190
_cell.length_c   74.349
_cell.angle_alpha   73.051
_cell.angle_beta   89.827
_cell.angle_gamma   82.907
#
_symmetry.space_group_name_H-M   'P 1'
#
loop_
_entity.id
_entity.type
_entity.pdbx_description
1 polymer 'Hdac6 protein'
2 non-polymer N-phenyl-6-selanylhexanamide
3 non-polymer 1,2-ETHANEDIOL
4 non-polymer 'ZINC ION'
5 non-polymer 'POTASSIUM ION'
6 water water
#
_entity_poly.entity_id   1
_entity_poly.type   'polypeptide(L)'
_entity_poly.pdbx_seq_one_letter_code
;SNAGGSSPITGLVYDQRMMLHHNMWDSHHPELPQRISRIFSRHEELRLLSRCHRIPARLATEEELALCHSSKHISIIKSS
EHMKPRDLNRLGDEYNSIFISNESYTCALLAAGSCFNSAQAILTGQVRNAVAIVRPPGHHAEKDTACGFCFFNTAALTAR
YAQSITRESLRVLIVDWDVHHGNGTQHIFEEDDSVLYISLHRYEDGAFFPNSEDANYDKVGLGKGRGYNVNIPWNGGKMG
DPEYMAAFHHLVMPIAREFAPELVLVSAGFDAARGDPLGGFQVTPEGYAHLTHQLMSLAAGRVLIILEGGYNLTSISESM
SMCTSMLLGDSPPSLDHLTPLKTSATVSINNVLRAHAPFWSSLR
;
_entity_poly.pdbx_strand_id   A,B
#
# COMPACT_ATOMS: atom_id res chain seq x y z
N PRO A 8 -15.28 30.37 -23.53
CA PRO A 8 -15.25 29.56 -22.32
C PRO A 8 -13.90 29.63 -21.60
N ILE A 9 -13.93 29.96 -20.31
CA ILE A 9 -12.72 30.09 -19.51
C ILE A 9 -12.79 29.09 -18.36
N THR A 10 -11.71 28.34 -18.17
CA THR A 10 -11.55 27.45 -17.03
C THR A 10 -10.69 28.13 -15.98
N GLY A 11 -11.16 28.16 -14.75
CA GLY A 11 -10.41 28.74 -13.66
C GLY A 11 -9.62 27.71 -12.89
N LEU A 12 -8.56 28.17 -12.23
CA LEU A 12 -7.71 27.30 -11.42
C LEU A 12 -7.21 28.08 -10.23
N VAL A 13 -7.33 27.51 -9.04
CA VAL A 13 -6.87 28.15 -7.81
C VAL A 13 -5.92 27.20 -7.10
N TYR A 14 -4.79 27.74 -6.65
CA TYR A 14 -3.76 27.00 -5.93
C TYR A 14 -2.91 27.99 -5.16
N ASP A 15 -2.60 27.66 -3.91
CA ASP A 15 -1.76 28.52 -3.08
C ASP A 15 -0.77 27.65 -2.33
N GLN A 16 0.52 27.91 -2.55
CA GLN A 16 1.58 27.15 -1.89
C GLN A 16 1.44 27.16 -0.37
N ARG A 17 0.84 28.22 0.19
CA ARG A 17 0.67 28.32 1.64
C ARG A 17 -0.12 27.16 2.21
N MET A 18 -0.97 26.50 1.42
CA MET A 18 -1.70 25.35 1.91
C MET A 18 -0.78 24.18 2.21
N MET A 19 0.46 24.21 1.71
CA MET A 19 1.45 23.18 2.02
C MET A 19 1.94 23.24 3.46
N LEU A 20 1.63 24.32 4.19
CA LEU A 20 2.20 24.47 5.52
C LEU A 20 1.62 23.48 6.51
N HIS A 21 0.37 23.07 6.31
CA HIS A 21 -0.23 21.98 7.07
C HIS A 21 0.63 20.73 6.99
N HIS A 22 1.11 20.26 8.14
CA HIS A 22 2.10 19.18 8.12
C HIS A 22 1.98 18.33 9.38
N ASN A 23 2.40 17.07 9.25
CA ASN A 23 2.43 16.09 10.34
C ASN A 23 3.85 16.06 10.90
N MET A 24 4.04 16.61 12.10
CA MET A 24 5.37 16.76 12.66
C MET A 24 5.88 15.49 13.34
N TRP A 25 5.02 14.49 13.58
CA TRP A 25 5.46 13.23 14.18
C TRP A 25 5.68 12.13 13.16
N ASP A 26 5.33 12.35 11.90
CA ASP A 26 5.43 11.31 10.88
C ASP A 26 5.50 12.03 9.53
N SER A 27 6.73 12.37 9.10
CA SER A 27 6.90 13.10 7.86
C SER A 27 6.42 12.32 6.64
N HIS A 28 6.12 11.03 6.78
CA HIS A 28 5.65 10.22 5.67
C HIS A 28 4.16 9.91 5.74
N HIS A 29 3.41 10.61 6.59
CA HIS A 29 1.96 10.48 6.59
C HIS A 29 1.45 10.79 5.19
N PRO A 30 0.50 10.01 4.65
CA PRO A 30 0.15 10.14 3.23
C PRO A 30 -0.52 11.47 2.86
N GLU A 31 -1.12 12.23 3.79
CA GLU A 31 -1.78 13.55 3.49
C GLU A 31 -0.65 14.59 3.42
N LEU A 32 0.16 14.49 2.38
CA LEU A 32 1.43 15.20 2.27
C LEU A 32 1.23 16.59 1.67
N PRO A 33 2.00 17.57 2.15
CA PRO A 33 2.03 18.86 1.45
C PRO A 33 2.30 18.74 -0.03
N GLN A 34 3.15 17.78 -0.42
CA GLN A 34 3.54 17.59 -1.81
C GLN A 34 2.41 17.07 -2.68
N ARG A 35 1.25 16.74 -2.11
CA ARG A 35 0.12 16.32 -2.93
C ARG A 35 -0.31 17.45 -3.87
N ILE A 36 -0.46 18.66 -3.33
CA ILE A 36 -0.92 19.75 -4.17
C ILE A 36 0.19 20.33 -5.04
N SER A 37 1.44 20.32 -4.55
CA SER A 37 2.52 20.88 -5.36
C SER A 37 2.88 19.96 -6.51
N ARG A 38 2.71 18.64 -6.33
CA ARG A 38 2.93 17.72 -7.44
C ARG A 38 1.83 17.86 -8.50
N ILE A 39 0.58 18.05 -8.06
CA ILE A 39 -0.50 18.27 -9.03
C ILE A 39 -0.26 19.56 -9.80
N PHE A 40 0.08 20.63 -9.08
CA PHE A 40 0.31 21.92 -9.72
C PHE A 40 1.42 21.84 -10.77
N SER A 41 2.56 21.25 -10.39
CA SER A 41 3.68 21.16 -11.32
CA SER A 41 3.68 21.14 -11.31
C SER A 41 3.29 20.42 -12.59
N ARG A 42 2.53 19.33 -12.47
CA ARG A 42 2.12 18.59 -13.66
C ARG A 42 1.19 19.41 -14.54
N HIS A 43 0.34 20.24 -13.93
CA HIS A 43 -0.46 21.18 -14.71
C HIS A 43 0.45 22.16 -15.47
N GLU A 44 1.57 22.55 -14.86
CA GLU A 44 2.53 23.39 -15.57
C GLU A 44 3.18 22.61 -16.71
N GLU A 45 3.68 21.41 -16.42
CA GLU A 45 4.38 20.62 -17.41
C GLU A 45 3.50 20.26 -18.60
N LEU A 46 2.19 20.18 -18.38
CA LEU A 46 1.25 19.85 -19.44
C LEU A 46 0.70 21.09 -20.12
N ARG A 47 1.20 22.27 -19.76
CA ARG A 47 0.74 23.56 -20.30
C ARG A 47 -0.76 23.74 -20.09
N LEU A 48 -1.29 23.19 -19.00
CA LEU A 48 -2.69 23.40 -18.63
C LEU A 48 -2.89 24.62 -17.77
N LEU A 49 -1.89 24.99 -16.97
CA LEU A 49 -2.01 26.17 -16.12
C LEU A 49 -2.10 27.44 -16.95
N SER A 50 -1.31 27.53 -18.03
CA SER A 50 -1.36 28.71 -18.88
C SER A 50 -2.66 28.82 -19.64
N ARG A 51 -3.38 27.72 -19.85
CA ARG A 51 -4.66 27.75 -20.52
C ARG A 51 -5.80 28.17 -19.60
N CYS A 52 -5.56 28.27 -18.30
CA CYS A 52 -6.60 28.59 -17.33
C CYS A 52 -6.47 30.04 -16.87
N HIS A 53 -7.57 30.57 -16.34
CA HIS A 53 -7.57 31.84 -15.64
C HIS A 53 -7.29 31.58 -14.16
N ARG A 54 -6.26 32.23 -13.63
CA ARG A 54 -5.82 32.00 -12.26
C ARG A 54 -6.73 32.74 -11.29
N ILE A 55 -7.38 32.01 -10.41
CA ILE A 55 -8.30 32.56 -9.42
C ILE A 55 -7.55 32.72 -8.09
N PRO A 56 -7.59 33.88 -7.45
CA PRO A 56 -6.84 34.06 -6.21
C PRO A 56 -7.48 33.31 -5.05
N ALA A 57 -6.62 32.86 -4.15
CA ALA A 57 -7.04 32.22 -2.91
C ALA A 57 -7.30 33.26 -1.83
N ARG A 58 -8.07 32.87 -0.83
CA ARG A 58 -8.30 33.73 0.33
C ARG A 58 -8.69 32.88 1.52
N LEU A 59 -8.61 33.48 2.70
CA LEU A 59 -9.06 32.82 3.92
C LEU A 59 -10.57 32.91 4.01
N ALA A 60 -11.21 31.78 4.31
CA ALA A 60 -12.62 31.83 4.69
C ALA A 60 -12.75 32.58 6.01
N THR A 61 -13.88 33.26 6.17
CA THR A 61 -14.17 33.94 7.41
C THR A 61 -14.93 33.00 8.35
N GLU A 62 -14.87 33.31 9.65
CA GLU A 62 -15.59 32.50 10.63
C GLU A 62 -17.09 32.50 10.34
N GLU A 63 -17.62 33.63 9.88
CA GLU A 63 -19.03 33.71 9.54
C GLU A 63 -19.37 32.79 8.37
N GLU A 64 -18.42 32.62 7.43
CA GLU A 64 -18.64 31.66 6.35
C GLU A 64 -18.50 30.23 6.85
N LEU A 65 -17.58 29.98 7.79
CA LEU A 65 -17.45 28.65 8.37
C LEU A 65 -18.70 28.25 9.13
N ALA A 66 -19.37 29.22 9.77
CA ALA A 66 -20.58 28.92 10.53
C ALA A 66 -21.74 28.52 9.65
N LEU A 67 -21.63 28.70 8.33
CA LEU A 67 -22.68 28.23 7.42
C LEU A 67 -22.94 26.74 7.60
N CYS A 68 -21.89 25.97 7.90
CA CYS A 68 -22.03 24.53 8.11
C CYS A 68 -21.56 24.06 9.48
N HIS A 69 -20.69 24.80 10.15
CA HIS A 69 -20.03 24.28 11.34
C HIS A 69 -20.43 25.06 12.59
N SER A 70 -20.46 24.35 13.71
CA SER A 70 -20.83 24.96 14.98
C SER A 70 -19.72 25.85 15.50
N SER A 71 -20.10 26.83 16.32
CA SER A 71 -19.12 27.72 16.94
C SER A 71 -18.08 26.93 17.72
N LYS A 72 -18.51 25.88 18.44
CA LYS A 72 -17.57 25.10 19.24
C LYS A 72 -16.49 24.47 18.38
N HIS A 73 -16.88 23.83 17.28
CA HIS A 73 -15.91 23.17 16.42
C HIS A 73 -14.95 24.16 15.78
N ILE A 74 -15.43 25.35 15.45
CA ILE A 74 -14.56 26.35 14.84
C ILE A 74 -13.51 26.82 15.83
N SER A 75 -13.90 27.02 17.09
CA SER A 75 -13.01 27.63 18.07
C SER A 75 -11.95 26.66 18.59
N ILE A 76 -12.19 25.35 18.51
CA ILE A 76 -11.16 24.41 18.94
C ILE A 76 -10.11 24.23 17.85
N ILE A 77 -10.53 24.09 16.60
CA ILE A 77 -9.57 24.09 15.50
C ILE A 77 -8.85 25.43 15.44
N LYS A 78 -9.55 26.51 15.76
CA LYS A 78 -8.92 27.83 15.79
C LYS A 78 -7.86 27.91 16.88
N SER A 79 -8.15 27.34 18.05
CA SER A 79 -7.22 27.43 19.18
C SER A 79 -5.91 26.70 18.92
N SER A 80 -5.90 25.72 18.03
CA SER A 80 -4.67 24.97 17.77
C SER A 80 -3.61 25.82 17.07
N GLU A 81 -3.97 26.99 16.56
CA GLU A 81 -2.99 27.85 15.88
C GLU A 81 -1.90 28.31 16.84
N HIS A 82 -2.15 28.29 18.15
CA HIS A 82 -1.19 28.75 19.13
C HIS A 82 -0.79 27.65 20.11
N MET A 83 -1.00 26.39 19.76
CA MET A 83 -0.77 25.30 20.70
C MET A 83 0.68 24.82 20.70
N LYS A 84 1.11 24.31 21.86
CA LYS A 84 2.38 23.61 21.99
C LYS A 84 2.28 22.24 21.31
N PRO A 85 3.41 21.70 20.82
CA PRO A 85 3.34 20.38 20.16
C PRO A 85 2.68 19.28 20.99
N ARG A 86 2.96 19.19 22.29
CA ARG A 86 2.27 18.20 23.12
C ARG A 86 0.76 18.38 23.04
N ASP A 87 0.27 19.62 23.11
CA ASP A 87 -1.17 19.85 23.01
C ASP A 87 -1.68 19.57 21.61
N LEU A 88 -0.87 19.82 20.58
CA LEU A 88 -1.28 19.49 19.22
C LEU A 88 -1.39 17.99 19.02
N ASN A 89 -0.48 17.22 19.63
CA ASN A 89 -0.56 15.77 19.53
C ASN A 89 -1.79 15.24 20.28
N ARG A 90 -1.98 15.71 21.51
CA ARG A 90 -3.14 15.28 22.29
C ARG A 90 -4.44 15.62 21.58
N LEU A 91 -4.56 16.85 21.09
CA LEU A 91 -5.79 17.26 20.41
C LEU A 91 -6.03 16.41 19.16
N GLY A 92 -4.99 16.18 18.37
CA GLY A 92 -5.15 15.38 17.17
C GLY A 92 -5.58 13.95 17.45
N ASP A 93 -5.09 13.39 18.57
CA ASP A 93 -5.46 12.02 18.93
C ASP A 93 -6.89 11.91 19.40
N GLU A 94 -7.54 13.02 19.74
CA GLU A 94 -8.93 12.99 20.17
C GLU A 94 -9.89 12.72 19.01
N TYR A 95 -9.45 12.93 17.78
CA TYR A 95 -10.27 12.69 16.60
C TYR A 95 -9.90 11.36 15.95
N ASN A 96 -10.72 10.96 14.99
CA ASN A 96 -10.46 9.79 14.17
C ASN A 96 -9.61 10.21 12.97
N SER A 97 -8.35 9.79 12.96
CA SER A 97 -7.43 9.98 11.84
C SER A 97 -7.20 11.46 11.53
N ILE A 98 -6.63 12.17 12.50
CA ILE A 98 -6.32 13.59 12.36
C ILE A 98 -4.93 13.86 12.93
N PHE A 99 -4.14 14.64 12.20
CA PHE A 99 -2.92 15.27 12.72
C PHE A 99 -3.06 16.78 12.58
N ILE A 100 -2.48 17.51 13.53
CA ILE A 100 -2.63 18.95 13.60
C ILE A 100 -1.28 19.61 13.81
N SER A 101 -1.04 20.70 13.08
CA SER A 101 0.09 21.58 13.28
C SER A 101 -0.41 23.01 13.49
N ASN A 102 0.51 23.91 13.83
CA ASN A 102 0.13 25.29 14.11
C ASN A 102 -0.44 26.00 12.90
N GLU A 103 -0.14 25.54 11.69
CA GLU A 103 -0.63 26.15 10.47
C GLU A 103 -1.90 25.51 9.93
N SER A 104 -2.37 24.42 10.57
CA SER A 104 -3.47 23.65 10.03
C SER A 104 -4.72 24.50 9.83
N TYR A 105 -5.11 25.25 10.86
CA TYR A 105 -6.32 26.07 10.78
C TYR A 105 -6.25 27.03 9.61
N THR A 106 -5.13 27.75 9.48
CA THR A 106 -4.94 28.68 8.36
C THR A 106 -5.16 27.99 7.02
N CYS A 107 -4.52 26.84 6.82
CA CYS A 107 -4.62 26.15 5.53
C CYS A 107 -6.05 25.71 5.24
N ALA A 108 -6.76 25.21 6.26
CA ALA A 108 -8.15 24.83 6.06
C ALA A 108 -9.01 26.04 5.71
N LEU A 109 -8.67 27.22 6.25
CA LEU A 109 -9.35 28.44 5.83
C LEU A 109 -9.05 28.77 4.37
N LEU A 110 -7.79 28.61 3.95
CA LEU A 110 -7.44 28.87 2.57
C LEU A 110 -8.12 27.91 1.61
N ALA A 111 -8.24 26.64 2.00
CA ALA A 111 -8.89 25.66 1.15
C ALA A 111 -10.37 26.01 0.94
N ALA A 112 -11.04 26.47 1.98
CA ALA A 112 -12.44 26.85 1.85
C ALA A 112 -12.59 28.15 1.07
N GLY A 113 -11.76 29.16 1.40
CA GLY A 113 -11.86 30.44 0.69
C GLY A 113 -11.50 30.32 -0.78
N SER A 114 -10.52 29.47 -1.10
CA SER A 114 -10.17 29.24 -2.49
C SER A 114 -11.36 28.74 -3.28
N CYS A 115 -12.18 27.87 -2.66
CA CYS A 115 -13.34 27.33 -3.34
C CYS A 115 -14.49 28.32 -3.37
N PHE A 116 -14.65 29.14 -2.33
CA PHE A 116 -15.63 30.21 -2.38
C PHE A 116 -15.35 31.12 -3.58
N ASN A 117 -14.13 31.65 -3.65
CA ASN A 117 -13.72 32.48 -4.78
C ASN A 117 -13.98 31.79 -6.11
N SER A 118 -13.76 30.47 -6.18
CA SER A 118 -13.97 29.75 -7.41
C SER A 118 -15.46 29.66 -7.75
N ALA A 119 -16.28 29.27 -6.77
CA ALA A 119 -17.72 29.23 -7.00
C ALA A 119 -18.27 30.60 -7.39
N GLN A 120 -17.70 31.66 -6.81
CA GLN A 120 -18.14 33.01 -7.16
C GLN A 120 -17.74 33.36 -8.59
N ALA A 121 -16.53 32.94 -9.01
CA ALA A 121 -16.13 33.19 -10.39
C ALA A 121 -17.06 32.49 -11.36
N ILE A 122 -17.44 31.25 -11.06
CA ILE A 122 -18.36 30.50 -11.92
C ILE A 122 -19.72 31.19 -11.96
N LEU A 123 -20.24 31.56 -10.78
CA LEU A 123 -21.64 31.98 -10.70
C LEU A 123 -21.85 33.38 -11.28
N THR A 124 -20.84 34.25 -11.23
CA THR A 124 -20.94 35.58 -11.82
C THR A 124 -20.50 35.61 -13.28
N GLY A 125 -20.13 34.48 -13.85
CA GLY A 125 -19.78 34.42 -15.26
C GLY A 125 -18.35 34.75 -15.60
N GLN A 126 -17.48 34.94 -14.61
CA GLN A 126 -16.08 35.23 -14.91
C GLN A 126 -15.39 34.02 -15.54
N VAL A 127 -15.70 32.83 -15.05
CA VAL A 127 -15.26 31.58 -15.64
C VAL A 127 -16.48 30.68 -15.79
N ARG A 128 -16.38 29.71 -16.70
CA ARG A 128 -17.48 28.76 -16.84
C ARG A 128 -17.36 27.61 -15.85
N ASN A 129 -16.15 27.08 -15.69
CA ASN A 129 -15.89 26.00 -14.75
C ASN A 129 -14.53 26.28 -14.11
N ALA A 130 -14.18 25.48 -13.10
CA ALA A 130 -12.97 25.75 -12.34
C ALA A 130 -12.48 24.48 -11.66
N VAL A 131 -11.18 24.48 -11.37
CA VAL A 131 -10.50 23.38 -10.69
C VAL A 131 -9.75 23.95 -9.49
N ALA A 132 -9.86 23.29 -8.34
CA ALA A 132 -9.32 23.79 -7.08
C ALA A 132 -8.37 22.76 -6.50
N ILE A 133 -7.09 23.10 -6.46
CA ILE A 133 -6.04 22.22 -5.95
C ILE A 133 -5.78 22.67 -4.52
N VAL A 134 -6.48 22.06 -3.56
CA VAL A 134 -6.47 22.51 -2.18
C VAL A 134 -6.22 21.34 -1.23
N ARG A 135 -5.70 21.67 -0.06
CA ARG A 135 -5.57 20.75 1.05
C ARG A 135 -5.61 21.56 2.33
N PRO A 136 -5.94 20.93 3.47
CA PRO A 136 -6.36 19.52 3.67
C PRO A 136 -7.74 19.28 3.07
N PRO A 137 -8.19 18.00 2.92
CA PRO A 137 -9.53 17.75 2.40
C PRO A 137 -10.63 18.13 3.37
N GLY A 138 -11.92 17.99 3.00
CA GLY A 138 -12.96 18.30 4.00
C GLY A 138 -14.18 17.40 4.08
N HIS A 139 -14.41 16.52 3.10
CA HIS A 139 -15.68 15.74 3.01
C HIS A 139 -16.02 14.92 4.27
N HIS A 140 -15.03 14.57 5.10
CA HIS A 140 -15.26 13.79 6.35
C HIS A 140 -15.61 14.69 7.53
N ALA A 141 -15.43 16.01 7.36
CA ALA A 141 -15.67 16.93 8.48
C ALA A 141 -17.16 17.08 8.73
N GLU A 142 -17.55 16.91 9.99
CA GLU A 142 -18.94 17.09 10.37
C GLU A 142 -19.17 18.54 10.81
N LYS A 143 -20.42 18.87 11.10
CA LYS A 143 -20.75 20.20 11.60
C LYS A 143 -20.00 20.51 12.90
N ASP A 144 -19.64 19.47 13.67
CA ASP A 144 -19.05 19.67 14.99
C ASP A 144 -17.81 18.81 15.21
N THR A 145 -17.19 18.33 14.13
CA THR A 145 -16.03 17.45 14.33
C THR A 145 -15.11 17.38 13.14
N ALA A 146 -13.82 17.28 13.41
CA ALA A 146 -12.85 17.00 12.37
C ALA A 146 -12.62 15.50 12.30
N CYS A 147 -12.31 15.01 11.10
CA CYS A 147 -12.24 13.58 10.88
C CYS A 147 -11.51 13.30 9.58
N GLY A 148 -10.80 12.17 9.55
CA GLY A 148 -10.19 11.66 8.33
C GLY A 148 -9.43 12.68 7.52
N PHE A 149 -8.48 13.35 8.17
CA PHE A 149 -7.58 14.36 7.59
C PHE A 149 -8.32 15.65 7.26
N CYS A 150 -9.63 15.72 7.49
CA CYS A 150 -10.45 16.86 7.12
C CYS A 150 -10.78 17.67 8.36
N PHE A 151 -10.76 19.00 8.20
CA PHE A 151 -11.05 19.92 9.30
C PHE A 151 -12.39 20.62 9.12
N PHE A 152 -12.56 21.38 8.05
CA PHE A 152 -13.85 21.94 7.67
C PHE A 152 -14.25 21.34 6.33
N ASN A 153 -15.56 21.15 6.15
CA ASN A 153 -16.08 20.49 4.95
C ASN A 153 -16.14 21.51 3.83
N THR A 154 -15.06 21.54 3.03
CA THR A 154 -14.90 22.58 2.01
C THR A 154 -16.01 22.52 0.97
N ALA A 155 -16.43 21.32 0.58
CA ALA A 155 -17.48 21.20 -0.43
C ALA A 155 -18.83 21.66 0.13
N ALA A 156 -19.14 21.26 1.37
CA ALA A 156 -20.41 21.66 1.98
C ALA A 156 -20.47 23.17 2.17
N LEU A 157 -19.36 23.78 2.59
CA LEU A 157 -19.32 25.23 2.77
C LEU A 157 -19.48 25.96 1.45
N THR A 158 -18.92 25.41 0.37
CA THR A 158 -19.02 26.07 -0.92
C THR A 158 -20.44 26.01 -1.46
N ALA A 159 -21.14 24.91 -1.22
CA ALA A 159 -22.56 24.84 -1.59
C ALA A 159 -23.35 25.93 -0.88
N ARG A 160 -23.15 26.07 0.43
CA ARG A 160 -23.87 27.08 1.19
C ARG A 160 -23.41 28.49 0.80
N TYR A 161 -22.11 28.70 0.65
CA TYR A 161 -21.62 29.99 0.19
C TYR A 161 -22.25 30.37 -1.15
N ALA A 162 -22.30 29.41 -2.08
CA ALA A 162 -22.89 29.67 -3.38
C ALA A 162 -24.33 30.15 -3.24
N GLN A 163 -25.12 29.53 -2.36
CA GLN A 163 -26.49 29.96 -2.16
C GLN A 163 -26.55 31.31 -1.46
N SER A 164 -25.60 31.60 -0.56
CA SER A 164 -25.59 32.89 0.11
C SER A 164 -25.41 34.04 -0.86
N ILE A 165 -24.64 33.83 -1.95
CA ILE A 165 -24.40 34.87 -2.93
C ILE A 165 -25.32 34.77 -4.13
N THR A 166 -26.26 33.84 -4.12
CA THR A 166 -27.26 33.77 -5.18
C THR A 166 -28.66 33.80 -4.59
N ARG A 167 -29.17 32.65 -4.18
CA ARG A 167 -30.46 32.57 -3.51
C ARG A 167 -30.52 31.29 -2.70
N GLU A 168 -31.42 31.28 -1.73
CA GLU A 168 -31.51 30.14 -0.82
C GLU A 168 -31.79 28.84 -1.57
N SER A 169 -32.60 28.91 -2.63
CA SER A 169 -33.07 27.73 -3.33
C SER A 169 -32.18 27.33 -4.51
N LEU A 170 -30.96 27.86 -4.60
CA LEU A 170 -30.06 27.42 -5.65
C LEU A 170 -29.86 25.92 -5.54
N ARG A 171 -30.02 25.22 -6.66
CA ARG A 171 -29.89 23.77 -6.70
C ARG A 171 -28.44 23.39 -6.94
N VAL A 172 -27.83 22.68 -6.00
CA VAL A 172 -26.42 22.34 -6.05
C VAL A 172 -26.26 20.82 -5.96
N LEU A 173 -25.56 20.25 -6.93
CA LEU A 173 -25.23 18.83 -6.95
C LEU A 173 -23.78 18.65 -6.49
N ILE A 174 -23.59 17.88 -5.42
CA ILE A 174 -22.27 17.52 -4.93
C ILE A 174 -22.05 16.06 -5.30
N VAL A 175 -21.14 15.80 -6.24
CA VAL A 175 -20.76 14.44 -6.61
C VAL A 175 -19.44 14.13 -5.93
N ASP A 176 -19.41 13.07 -5.14
CA ASP A 176 -18.26 12.70 -4.32
C ASP A 176 -17.71 11.36 -4.85
N TRP A 177 -16.74 11.44 -5.75
CA TRP A 177 -16.11 10.24 -6.30
C TRP A 177 -14.79 9.90 -5.62
N ASP A 178 -14.49 10.57 -4.50
CA ASP A 178 -13.48 10.06 -3.58
C ASP A 178 -13.82 8.64 -3.17
N VAL A 179 -12.80 7.81 -2.95
CA VAL A 179 -13.05 6.41 -2.65
C VAL A 179 -13.74 6.23 -1.29
N HIS A 180 -13.68 7.25 -0.43
CA HIS A 180 -14.32 7.20 0.88
C HIS A 180 -15.64 7.93 0.87
N HIS A 181 -16.58 7.44 1.67
CA HIS A 181 -17.86 8.10 1.83
C HIS A 181 -17.66 9.45 2.51
N GLY A 182 -18.26 10.49 1.95
CA GLY A 182 -18.24 11.79 2.59
C GLY A 182 -19.30 11.89 3.67
N ASN A 183 -18.99 11.34 4.85
CA ASN A 183 -19.97 11.28 5.92
C ASN A 183 -20.44 12.66 6.34
N GLY A 184 -19.52 13.63 6.38
CA GLY A 184 -19.91 14.98 6.78
C GLY A 184 -20.81 15.66 5.78
N THR A 185 -20.53 15.50 4.48
CA THR A 185 -21.37 16.11 3.47
C THR A 185 -22.77 15.51 3.49
N GLN A 186 -22.88 14.18 3.60
CA GLN A 186 -24.18 13.54 3.73
C GLN A 186 -24.94 14.09 4.94
N HIS A 187 -24.27 14.19 6.08
CA HIS A 187 -24.96 14.60 7.31
C HIS A 187 -25.37 16.06 7.27
N ILE A 188 -24.54 16.91 6.67
CA ILE A 188 -24.84 18.34 6.64
C ILE A 188 -26.09 18.61 5.81
N PHE A 189 -26.28 17.85 4.72
CA PHE A 189 -27.40 18.07 3.82
C PHE A 189 -28.46 16.97 3.88
N GLU A 190 -28.43 16.12 4.91
CA GLU A 190 -29.31 14.94 4.91
C GLU A 190 -30.78 15.32 4.88
N GLU A 191 -31.15 16.44 5.49
CA GLU A 191 -32.54 16.91 5.52
C GLU A 191 -32.78 18.04 4.52
N ASP A 192 -32.01 18.09 3.44
CA ASP A 192 -32.00 19.25 2.54
C ASP A 192 -32.31 18.79 1.14
N ASP A 193 -33.39 19.33 0.56
CA ASP A 193 -33.74 19.04 -0.83
C ASP A 193 -33.18 20.06 -1.81
N SER A 194 -32.37 21.02 -1.34
CA SER A 194 -31.74 21.98 -2.23
C SER A 194 -30.33 21.57 -2.64
N VAL A 195 -29.71 20.64 -1.92
CA VAL A 195 -28.39 20.14 -2.26
C VAL A 195 -28.47 18.63 -2.40
N LEU A 196 -28.18 18.14 -3.61
CA LEU A 196 -28.21 16.72 -3.91
C LEU A 196 -26.81 16.14 -3.69
N TYR A 197 -26.71 15.14 -2.82
CA TYR A 197 -25.43 14.50 -2.52
C TYR A 197 -25.39 13.11 -3.15
N ILE A 198 -24.34 12.86 -3.92
CA ILE A 198 -24.16 11.58 -4.62
C ILE A 198 -22.74 11.13 -4.38
N SER A 199 -22.58 9.97 -3.75
CA SER A 199 -21.27 9.47 -3.37
C SER A 199 -21.09 8.03 -3.84
N LEU A 200 -20.00 7.80 -4.56
CA LEU A 200 -19.51 6.46 -4.84
C LEU A 200 -18.34 6.20 -3.91
N HIS A 201 -18.28 4.99 -3.33
CA HIS A 201 -17.29 4.78 -2.27
C HIS A 201 -17.17 3.29 -1.97
N ARG A 202 -15.94 2.86 -1.69
CA ARG A 202 -15.71 1.54 -1.15
C ARG A 202 -16.32 1.42 0.24
N TYR A 203 -17.09 0.36 0.46
CA TYR A 203 -17.89 0.20 1.67
C TYR A 203 -17.49 -1.03 2.48
N GLU A 204 -17.59 -2.22 1.88
CA GLU A 204 -17.18 -3.47 2.51
C GLU A 204 -17.94 -3.72 3.82
N ASP A 205 -19.27 -3.59 3.75
CA ASP A 205 -20.16 -3.81 4.90
C ASP A 205 -19.73 -2.96 6.10
N GLY A 206 -19.18 -1.78 5.83
CA GLY A 206 -18.72 -0.92 6.90
C GLY A 206 -17.32 -1.19 7.38
N ALA A 207 -16.57 -2.08 6.73
CA ALA A 207 -15.20 -2.36 7.13
C ALA A 207 -14.21 -1.33 6.59
N PHE A 208 -14.63 -0.45 5.69
CA PHE A 208 -13.76 0.57 5.13
C PHE A 208 -14.04 1.91 5.79
N PHE A 209 -12.98 2.70 5.99
CA PHE A 209 -13.13 4.03 6.55
C PHE A 209 -14.17 4.82 5.74
N PRO A 210 -15.02 5.63 6.38
CA PRO A 210 -15.10 5.96 7.82
C PRO A 210 -15.89 4.95 8.67
N ASN A 211 -16.11 3.75 8.17
CA ASN A 211 -16.54 2.60 8.99
C ASN A 211 -17.91 2.81 9.63
N SER A 212 -18.88 3.19 8.81
CA SER A 212 -20.23 3.40 9.30
C SER A 212 -21.22 2.94 8.24
N GLU A 213 -22.32 2.34 8.70
CA GLU A 213 -23.39 1.97 7.79
C GLU A 213 -24.19 3.15 7.28
N ASP A 214 -23.87 4.38 7.73
CA ASP A 214 -24.46 5.56 7.13
C ASP A 214 -24.16 5.64 5.64
N ALA A 215 -23.14 4.93 5.17
CA ALA A 215 -22.72 4.96 3.78
C ALA A 215 -23.45 3.96 2.89
N ASN A 216 -24.40 3.21 3.42
CA ASN A 216 -25.00 2.18 2.60
C ASN A 216 -26.09 2.77 1.70
N TYR A 217 -26.46 1.99 0.67
CA TYR A 217 -27.40 2.47 -0.34
C TYR A 217 -28.77 2.83 0.24
N ASP A 218 -29.13 2.27 1.39
CA ASP A 218 -30.46 2.52 1.93
C ASP A 218 -30.56 3.84 2.70
N LYS A 219 -29.51 4.67 2.68
CA LYS A 219 -29.55 6.00 3.32
C LYS A 219 -29.88 7.02 2.24
N VAL A 220 -31.17 7.31 2.08
CA VAL A 220 -31.65 8.14 0.98
C VAL A 220 -31.99 9.55 1.43
N GLY A 221 -31.75 9.91 2.68
CA GLY A 221 -32.07 11.22 3.19
C GLY A 221 -33.13 11.16 4.28
N LEU A 222 -33.43 12.33 4.83
CA LEU A 222 -34.38 12.47 5.92
C LEU A 222 -35.30 13.66 5.65
N GLY A 223 -36.56 13.51 6.03
CA GLY A 223 -37.50 14.63 5.93
C GLY A 223 -37.64 15.12 4.50
N LYS A 224 -37.58 16.44 4.33
CA LYS A 224 -37.63 17.03 2.99
C LYS A 224 -36.55 16.48 2.08
N GLY A 225 -35.43 16.02 2.64
CA GLY A 225 -34.31 15.53 1.88
C GLY A 225 -34.37 14.10 1.43
N ARG A 226 -35.48 13.39 1.66
CA ARG A 226 -35.56 12.00 1.24
C ARG A 226 -35.57 11.90 -0.28
N GLY A 227 -34.74 11.01 -0.81
CA GLY A 227 -34.44 10.95 -2.21
C GLY A 227 -33.23 11.75 -2.64
N TYR A 228 -32.78 12.70 -1.81
CA TYR A 228 -31.74 13.63 -2.18
C TYR A 228 -30.38 13.25 -1.60
N ASN A 229 -30.20 11.98 -1.23
CA ASN A 229 -28.90 11.45 -0.85
C ASN A 229 -28.77 10.09 -1.52
N VAL A 230 -27.82 9.96 -2.44
CA VAL A 230 -27.63 8.75 -3.22
C VAL A 230 -26.26 8.18 -2.87
N ASN A 231 -26.26 7.04 -2.17
CA ASN A 231 -25.04 6.34 -1.83
C ASN A 231 -24.84 5.16 -2.77
N ILE A 232 -23.64 5.06 -3.34
CA ILE A 232 -23.29 3.96 -4.22
C ILE A 232 -22.11 3.23 -3.59
N PRO A 233 -22.37 2.23 -2.73
CA PRO A 233 -21.28 1.59 -1.99
C PRO A 233 -20.77 0.33 -2.67
N TRP A 234 -19.45 0.15 -2.72
CA TRP A 234 -18.85 -1.01 -3.36
C TRP A 234 -18.46 -2.06 -2.32
N ASN A 235 -18.64 -3.32 -2.68
CA ASN A 235 -18.23 -4.43 -1.84
C ASN A 235 -17.38 -5.39 -2.65
N GLY A 236 -16.40 -5.99 -1.98
CA GLY A 236 -15.63 -7.07 -2.60
C GLY A 236 -14.52 -6.67 -3.55
N GLY A 237 -13.57 -5.86 -3.08
CA GLY A 237 -12.32 -5.70 -3.80
C GLY A 237 -12.32 -4.62 -4.86
N LYS A 238 -11.33 -4.75 -5.75
CA LYS A 238 -10.94 -3.66 -6.64
C LYS A 238 -12.03 -3.33 -7.65
N MET A 239 -12.35 -2.04 -7.77
CA MET A 239 -13.23 -1.51 -8.80
C MET A 239 -12.42 -0.61 -9.72
N GLY A 240 -12.98 -0.34 -10.90
CA GLY A 240 -12.27 0.48 -11.88
C GLY A 240 -13.18 1.26 -12.81
N ASP A 241 -12.64 1.66 -13.96
CA ASP A 241 -13.41 2.45 -14.93
C ASP A 241 -14.75 1.84 -15.33
N PRO A 242 -14.87 0.55 -15.62
CA PRO A 242 -16.19 0.03 -16.03
C PRO A 242 -17.23 0.17 -14.94
N GLU A 243 -16.86 -0.07 -13.68
CA GLU A 243 -17.82 0.06 -12.59
C GLU A 243 -18.26 1.51 -12.41
N TYR A 244 -17.32 2.44 -12.48
CA TYR A 244 -17.67 3.85 -12.27
C TYR A 244 -18.46 4.40 -13.45
N MET A 245 -18.11 3.98 -14.68
CA MET A 245 -18.86 4.43 -15.84
C MET A 245 -20.28 3.89 -15.82
N ALA A 246 -20.47 2.64 -15.42
CA ALA A 246 -21.80 2.06 -15.36
C ALA A 246 -22.64 2.72 -14.28
N ALA A 247 -22.01 3.06 -13.14
CA ALA A 247 -22.73 3.77 -12.09
C ALA A 247 -23.16 5.15 -12.57
N PHE A 248 -22.33 5.82 -13.36
CA PHE A 248 -22.72 7.10 -13.92
C PHE A 248 -23.86 6.93 -14.92
N HIS A 249 -23.83 5.84 -15.71
CA HIS A 249 -24.81 5.67 -16.77
C HIS A 249 -26.20 5.36 -16.21
N HIS A 250 -26.27 4.49 -15.19
CA HIS A 250 -27.57 4.06 -14.67
C HIS A 250 -28.06 4.91 -13.50
N LEU A 251 -27.17 5.61 -12.81
CA LEU A 251 -27.55 6.26 -11.56
C LEU A 251 -27.22 7.75 -11.54
N VAL A 252 -25.92 8.08 -11.51
CA VAL A 252 -25.50 9.45 -11.22
C VAL A 252 -26.06 10.43 -12.26
N MET A 253 -25.97 10.08 -13.54
CA MET A 253 -26.38 11.01 -14.59
C MET A 253 -27.89 11.05 -14.80
N PRO A 254 -28.62 9.93 -14.68
CA PRO A 254 -30.09 10.05 -14.70
C PRO A 254 -30.63 10.87 -13.54
N ILE A 255 -30.09 10.70 -12.33
CA ILE A 255 -30.59 11.43 -11.18
C ILE A 255 -30.23 12.91 -11.27
N ALA A 256 -29.01 13.22 -11.72
CA ALA A 256 -28.59 14.61 -11.81
C ALA A 256 -29.42 15.37 -12.84
N ARG A 257 -29.75 14.72 -13.97
CA ARG A 257 -30.57 15.39 -14.97
C ARG A 257 -31.97 15.69 -14.44
N GLU A 258 -32.58 14.73 -13.74
CA GLU A 258 -33.90 14.98 -13.16
C GLU A 258 -33.83 16.05 -12.08
N PHE A 259 -32.69 16.15 -11.38
CA PHE A 259 -32.53 17.17 -10.35
C PHE A 259 -32.30 18.55 -10.94
N ALA A 260 -31.76 18.60 -12.15
CA ALA A 260 -31.45 19.85 -12.84
C ALA A 260 -30.60 20.79 -11.98
N PRO A 261 -29.40 20.38 -11.60
CA PRO A 261 -28.56 21.25 -10.77
C PRO A 261 -28.22 22.53 -11.52
N GLU A 262 -28.14 23.62 -10.78
CA GLU A 262 -27.64 24.87 -11.33
C GLU A 262 -26.13 25.02 -11.16
N LEU A 263 -25.54 24.23 -10.27
CA LEU A 263 -24.10 24.27 -10.01
C LEU A 263 -23.67 22.88 -9.55
N VAL A 264 -22.56 22.41 -10.09
CA VAL A 264 -22.02 21.09 -9.79
C VAL A 264 -20.70 21.26 -9.06
N LEU A 265 -20.60 20.69 -7.87
CA LEU A 265 -19.36 20.62 -7.11
C LEU A 265 -18.91 19.16 -7.07
N VAL A 266 -17.64 18.93 -7.36
CA VAL A 266 -17.09 17.57 -7.35
C VAL A 266 -16.14 17.46 -6.17
N SER A 267 -16.55 16.68 -5.16
CA SER A 267 -15.63 16.26 -4.11
C SER A 267 -14.70 15.23 -4.75
N ALA A 268 -13.67 15.73 -5.41
CA ALA A 268 -12.83 14.94 -6.31
C ALA A 268 -11.61 14.47 -5.55
N GLY A 269 -11.80 13.43 -4.75
CA GLY A 269 -10.69 12.64 -4.30
C GLY A 269 -10.20 11.74 -5.42
N PHE A 270 -8.91 11.47 -5.43
CA PHE A 270 -8.32 10.60 -6.44
C PHE A 270 -7.70 9.37 -5.80
N ASP A 271 -8.20 8.97 -4.64
CA ASP A 271 -7.76 7.77 -3.96
C ASP A 271 -8.52 6.51 -4.41
N ALA A 272 -9.28 6.60 -5.51
CA ALA A 272 -9.76 5.42 -6.21
C ALA A 272 -8.93 5.12 -7.44
N ALA A 273 -7.83 5.84 -7.63
CA ALA A 273 -6.94 5.60 -8.76
C ALA A 273 -5.96 4.47 -8.44
N ARG A 274 -5.46 3.84 -9.49
CA ARG A 274 -4.46 2.80 -9.35
C ARG A 274 -3.23 3.33 -8.61
N GLY A 275 -2.63 2.46 -7.79
CA GLY A 275 -1.47 2.83 -7.01
C GLY A 275 -1.76 3.45 -5.66
N ASP A 276 -3.05 3.68 -5.40
CA ASP A 276 -3.45 4.32 -4.13
C ASP A 276 -3.56 3.26 -3.03
N PRO A 277 -2.78 3.42 -1.95
CA PRO A 277 -2.76 2.46 -0.82
C PRO A 277 -4.01 2.57 0.06
N LEU A 278 -4.71 3.71 -0.02
CA LEU A 278 -5.89 3.93 0.85
C LEU A 278 -7.18 3.72 0.04
N GLY A 279 -7.09 3.04 -1.11
CA GLY A 279 -8.26 2.88 -1.97
C GLY A 279 -8.36 1.48 -2.51
N GLY A 280 -7.26 1.01 -3.07
CA GLY A 280 -7.22 -0.36 -3.62
C GLY A 280 -8.00 -0.52 -4.90
N PHE A 281 -8.34 0.60 -5.54
CA PHE A 281 -9.06 0.56 -6.83
C PHE A 281 -8.12 0.86 -8.00
N GLN A 282 -8.67 0.84 -9.21
CA GLN A 282 -7.84 1.06 -10.43
C GLN A 282 -8.54 1.98 -11.43
N VAL A 283 -9.20 3.02 -10.91
CA VAL A 283 -9.76 4.00 -11.83
C VAL A 283 -8.62 4.75 -12.50
N THR A 284 -8.66 4.80 -13.84
CA THR A 284 -7.55 5.36 -14.61
C THR A 284 -7.75 6.86 -14.82
N PRO A 285 -6.67 7.59 -15.12
CA PRO A 285 -6.82 9.01 -15.46
C PRO A 285 -7.82 9.26 -16.58
N GLU A 286 -7.86 8.36 -17.56
CA GLU A 286 -8.82 8.49 -18.66
C GLU A 286 -10.25 8.34 -18.16
N GLY A 287 -10.47 7.53 -17.13
CA GLY A 287 -11.81 7.39 -16.58
C GLY A 287 -12.28 8.64 -15.87
N TYR A 288 -11.41 9.25 -15.05
CA TYR A 288 -11.75 10.52 -14.42
C TYR A 288 -12.05 11.59 -15.46
N ALA A 289 -11.42 11.50 -16.64
CA ALA A 289 -11.72 12.45 -17.70
C ALA A 289 -13.15 12.29 -18.20
N HIS A 290 -13.63 11.05 -18.28
N HIS A 290 -13.64 11.04 -18.29
CA HIS A 290 -14.99 10.82 -18.76
CA HIS A 290 -15.00 10.83 -18.77
C HIS A 290 -16.03 11.18 -17.71
C HIS A 290 -16.03 11.19 -17.72
N LEU A 291 -15.73 10.92 -16.44
CA LEU A 291 -16.63 11.36 -15.37
C LEU A 291 -16.76 12.88 -15.35
N THR A 292 -15.64 13.58 -15.57
CA THR A 292 -15.69 15.04 -15.67
C THR A 292 -16.51 15.49 -16.87
N HIS A 293 -16.28 14.86 -18.02
CA HIS A 293 -16.98 15.23 -19.25
C HIS A 293 -18.49 15.08 -19.10
N GLN A 294 -18.94 13.98 -18.48
CA GLN A 294 -20.37 13.77 -18.30
C GLN A 294 -20.97 14.80 -17.35
N LEU A 295 -20.26 15.13 -16.27
CA LEU A 295 -20.76 16.16 -15.36
C LEU A 295 -20.84 17.51 -16.05
N MET A 296 -19.93 17.79 -16.99
CA MET A 296 -19.95 19.04 -17.73
C MET A 296 -21.20 19.20 -18.58
N SER A 297 -21.96 18.13 -18.80
CA SER A 297 -23.21 18.26 -19.55
C SER A 297 -24.34 18.83 -18.70
N LEU A 298 -24.09 19.11 -17.42
CA LEU A 298 -25.09 19.61 -16.49
C LEU A 298 -24.84 21.06 -16.15
N ALA A 299 -25.91 21.73 -15.71
CA ALA A 299 -25.84 23.06 -15.08
C ALA A 299 -25.13 24.08 -15.98
N ALA A 300 -25.37 23.98 -17.29
CA ALA A 300 -24.71 24.86 -18.27
C ALA A 300 -23.20 24.83 -18.12
N GLY A 301 -22.65 23.69 -17.71
CA GLY A 301 -21.22 23.52 -17.55
C GLY A 301 -20.63 24.06 -16.28
N ARG A 302 -21.46 24.48 -15.32
CA ARG A 302 -21.00 25.13 -14.09
C ARG A 302 -20.47 24.07 -13.13
N VAL A 303 -19.21 23.69 -13.32
CA VAL A 303 -18.60 22.62 -12.53
C VAL A 303 -17.38 23.18 -11.81
N LEU A 304 -17.26 22.84 -10.53
CA LEU A 304 -16.08 23.13 -9.72
C LEU A 304 -15.55 21.81 -9.19
N ILE A 305 -14.28 21.53 -9.46
CA ILE A 305 -13.63 20.29 -9.07
C ILE A 305 -12.75 20.58 -7.87
N ILE A 306 -13.19 20.04 -6.75
CA ILE A 306 -12.47 20.28 -5.47
C ILE A 306 -11.64 19.05 -5.10
N LEU A 307 -10.32 19.23 -5.07
CA LEU A 307 -9.42 18.12 -4.65
C LEU A 307 -9.79 17.65 -3.23
N GLU A 308 -9.91 16.33 -3.05
CA GLU A 308 -10.15 15.77 -1.70
C GLU A 308 -8.96 14.86 -1.36
N GLY A 309 -9.20 13.56 -1.28
CA GLY A 309 -8.14 12.58 -1.04
C GLY A 309 -7.35 12.27 -2.29
N GLY A 310 -6.67 11.13 -2.31
CA GLY A 310 -5.74 10.85 -3.41
C GLY A 310 -4.35 10.92 -2.81
N TYR A 311 -3.64 9.79 -2.73
CA TYR A 311 -2.36 9.74 -1.96
C TYR A 311 -1.18 9.19 -2.77
N ASN A 312 -1.43 8.74 -4.00
CA ASN A 312 -0.34 8.42 -4.90
C ASN A 312 0.00 9.68 -5.67
N LEU A 313 1.19 10.24 -5.42
CA LEU A 313 1.51 11.56 -5.96
C LEU A 313 1.43 11.58 -7.49
N THR A 314 1.88 10.51 -8.14
CA THR A 314 1.84 10.47 -9.59
C THR A 314 0.42 10.25 -10.12
N SER A 315 -0.31 9.32 -9.52
CA SER A 315 -1.67 9.03 -9.98
C SER A 315 -2.58 10.24 -9.83
N ILE A 316 -2.46 10.97 -8.71
CA ILE A 316 -3.36 12.09 -8.49
C ILE A 316 -2.96 13.29 -9.35
N SER A 317 -1.67 13.45 -9.65
CA SER A 317 -1.28 14.52 -10.57
C SER A 317 -1.76 14.21 -11.98
N GLU A 318 -1.59 12.96 -12.42
CA GLU A 318 -2.09 12.56 -13.73
C GLU A 318 -3.61 12.66 -13.80
N SER A 319 -4.30 12.25 -12.74
CA SER A 319 -5.76 12.19 -12.77
C SER A 319 -6.37 13.60 -12.84
N MET A 320 -6.00 14.47 -11.89
CA MET A 320 -6.60 15.79 -11.87
C MET A 320 -6.21 16.61 -13.09
N SER A 321 -5.02 16.36 -13.64
CA SER A 321 -4.65 16.97 -14.91
C SER A 321 -5.65 16.58 -16.01
N MET A 322 -6.03 15.30 -16.05
CA MET A 322 -6.99 14.85 -17.05
C MET A 322 -8.32 15.59 -16.90
N CYS A 323 -8.77 15.78 -15.65
CA CYS A 323 -10.04 16.46 -15.42
C CYS A 323 -9.99 17.91 -15.91
N THR A 324 -8.95 18.65 -15.50
CA THR A 324 -8.79 20.03 -15.97
C THR A 324 -8.84 20.10 -17.48
N SER A 325 -8.16 19.16 -18.16
CA SER A 325 -8.15 19.14 -19.62
C SER A 325 -9.56 19.01 -20.17
N MET A 326 -10.42 18.22 -19.53
CA MET A 326 -11.81 18.11 -19.97
C MET A 326 -12.55 19.43 -19.78
N LEU A 327 -12.35 20.08 -18.63
CA LEU A 327 -12.95 21.39 -18.41
C LEU A 327 -12.54 22.37 -19.51
N LEU A 328 -11.25 22.35 -19.88
CA LEU A 328 -10.74 23.21 -20.94
C LEU A 328 -11.31 22.87 -22.31
N GLY A 329 -12.09 21.80 -22.42
CA GLY A 329 -12.77 21.46 -23.66
C GLY A 329 -12.06 20.49 -24.57
N ASP A 330 -10.99 19.85 -24.09
CA ASP A 330 -10.28 18.90 -24.94
C ASP A 330 -11.11 17.65 -25.18
N SER A 331 -10.91 17.05 -26.35
CA SER A 331 -11.62 15.83 -26.71
C SER A 331 -11.33 14.74 -25.68
N PRO A 332 -12.34 14.06 -25.15
CA PRO A 332 -12.08 13.05 -24.12
C PRO A 332 -11.32 11.88 -24.70
N PRO A 333 -10.47 11.23 -23.90
CA PRO A 333 -9.62 10.15 -24.43
C PRO A 333 -10.36 8.83 -24.49
N SER A 334 -9.84 7.94 -25.35
CA SER A 334 -10.39 6.60 -25.46
C SER A 334 -10.32 5.89 -24.10
N LEU A 335 -11.31 5.05 -23.85
CA LEU A 335 -11.48 4.46 -22.52
C LEU A 335 -11.81 2.97 -22.60
N THR A 339 -16.47 -3.85 -21.29
CA THR A 339 -15.84 -4.58 -20.20
C THR A 339 -16.88 -4.92 -19.12
N PRO A 340 -16.96 -6.18 -18.72
CA PRO A 340 -18.01 -6.60 -17.78
C PRO A 340 -17.70 -6.20 -16.35
N LEU A 341 -18.72 -5.69 -15.68
CA LEU A 341 -18.59 -5.32 -14.27
C LEU A 341 -18.37 -6.55 -13.41
N LYS A 342 -17.67 -6.36 -12.29
CA LYS A 342 -17.65 -7.40 -11.28
C LYS A 342 -19.05 -7.60 -10.73
N THR A 343 -19.35 -8.83 -10.33
CA THR A 343 -20.71 -9.19 -9.93
C THR A 343 -21.23 -8.28 -8.82
N SER A 344 -20.38 -7.98 -7.83
CA SER A 344 -20.82 -7.16 -6.72
C SER A 344 -21.14 -5.73 -7.15
N ALA A 345 -20.50 -5.25 -8.22
CA ALA A 345 -20.81 -3.93 -8.72
C ALA A 345 -22.20 -3.88 -9.35
N THR A 346 -22.54 -4.91 -10.13
CA THR A 346 -23.91 -5.05 -10.62
C THR A 346 -24.90 -5.08 -9.46
N VAL A 347 -24.56 -5.80 -8.40
CA VAL A 347 -25.44 -5.90 -7.24
C VAL A 347 -25.58 -4.54 -6.56
N SER A 348 -24.46 -3.83 -6.39
CA SER A 348 -24.51 -2.52 -5.77
C SER A 348 -25.37 -1.56 -6.57
N ILE A 349 -25.19 -1.55 -7.90
CA ILE A 349 -25.91 -0.61 -8.75
C ILE A 349 -27.41 -0.89 -8.70
N ASN A 350 -27.80 -2.16 -8.80
CA ASN A 350 -29.21 -2.49 -8.75
C ASN A 350 -29.81 -2.30 -7.37
N ASN A 351 -28.99 -2.34 -6.31
CA ASN A 351 -29.51 -2.04 -4.99
C ASN A 351 -29.80 -0.54 -4.85
N VAL A 352 -28.91 0.30 -5.36
CA VAL A 352 -29.20 1.73 -5.38
C VAL A 352 -30.42 2.02 -6.25
N LEU A 353 -30.50 1.35 -7.41
CA LEU A 353 -31.62 1.54 -8.32
C LEU A 353 -32.95 1.26 -7.66
N ARG A 354 -33.06 0.12 -6.94
CA ARG A 354 -34.31 -0.21 -6.29
C ARG A 354 -34.63 0.75 -5.14
N ALA A 355 -33.62 1.22 -4.44
CA ALA A 355 -33.85 2.10 -3.29
C ALA A 355 -34.25 3.51 -3.68
N HIS A 356 -33.89 3.95 -4.89
CA HIS A 356 -34.18 5.31 -5.32
C HIS A 356 -35.26 5.40 -6.40
N ALA A 357 -35.72 4.27 -6.92
CA ALA A 357 -36.88 4.26 -7.80
C ALA A 357 -38.05 5.08 -7.28
N PRO A 358 -38.41 5.05 -5.98
CA PRO A 358 -39.54 5.88 -5.53
C PRO A 358 -39.35 7.37 -5.74
N PHE A 359 -38.12 7.87 -5.70
CA PHE A 359 -37.87 9.30 -5.73
C PHE A 359 -37.46 9.84 -7.09
N TRP A 360 -36.96 8.99 -8.00
CA TRP A 360 -36.44 9.44 -9.29
C TRP A 360 -37.12 8.64 -10.40
N SER A 361 -38.13 9.25 -11.02
CA SER A 361 -39.00 8.55 -11.96
C SER A 361 -38.29 8.14 -13.23
N SER A 362 -37.16 8.78 -13.58
CA SER A 362 -36.44 8.44 -14.79
C SER A 362 -35.61 7.17 -14.65
N LEU A 363 -35.41 6.68 -13.43
CA LEU A 363 -34.72 5.42 -13.22
C LEU A 363 -35.58 4.25 -13.70
N PRO B 8 17.88 -30.67 23.23
CA PRO B 8 17.54 -29.32 22.78
C PRO B 8 18.72 -28.64 22.08
N ILE B 9 18.94 -28.98 20.80
CA ILE B 9 20.16 -28.62 20.09
C ILE B 9 19.83 -27.71 18.93
N THR B 10 20.69 -26.71 18.69
CA THR B 10 20.61 -25.85 17.52
C THR B 10 21.68 -26.24 16.53
N GLY B 11 21.29 -26.46 15.29
CA GLY B 11 22.26 -26.68 14.24
C GLY B 11 22.71 -25.38 13.60
N LEU B 12 23.90 -25.43 12.99
CA LEU B 12 24.43 -24.31 12.25
C LEU B 12 25.27 -24.88 11.10
N VAL B 13 25.00 -24.43 9.88
CA VAL B 13 25.75 -24.87 8.71
C VAL B 13 26.41 -23.65 8.09
N TYR B 14 27.69 -23.80 7.74
CA TYR B 14 28.48 -22.75 7.12
C TYR B 14 29.65 -23.43 6.42
N ASP B 15 29.99 -22.92 5.24
CA ASP B 15 31.09 -23.50 4.46
C ASP B 15 31.73 -22.38 3.65
N GLN B 16 32.99 -22.07 3.95
CA GLN B 16 33.66 -20.93 3.34
C GLN B 16 33.77 -21.06 1.83
N ARG B 17 33.60 -22.27 1.28
CA ARG B 17 33.58 -22.44 -0.17
C ARG B 17 32.53 -21.57 -0.84
N MET B 18 31.47 -21.22 -0.11
CA MET B 18 30.43 -20.36 -0.69
C MET B 18 30.93 -18.94 -0.92
N MET B 19 32.15 -18.61 -0.49
CA MET B 19 32.72 -17.30 -0.76
C MET B 19 33.28 -17.17 -2.17
N LEU B 20 33.55 -18.29 -2.85
CA LEU B 20 34.17 -18.22 -4.17
C LEU B 20 33.30 -17.49 -5.19
N HIS B 21 31.98 -17.45 -4.98
CA HIS B 21 31.09 -16.71 -5.85
C HIS B 21 31.38 -15.21 -5.75
N HIS B 22 31.80 -14.59 -6.85
CA HIS B 22 32.26 -13.21 -6.75
C HIS B 22 31.94 -12.44 -8.01
N ASN B 23 31.95 -11.12 -7.87
CA ASN B 23 31.76 -10.17 -8.97
C ASN B 23 33.15 -9.73 -9.43
N MET B 24 33.59 -10.25 -10.58
CA MET B 24 34.92 -9.95 -11.07
C MET B 24 35.04 -8.59 -11.72
N TRP B 25 33.94 -7.84 -11.85
CA TRP B 25 33.97 -6.52 -12.45
C TRP B 25 33.72 -5.41 -11.45
N ASP B 26 33.40 -5.74 -10.21
CA ASP B 26 33.18 -4.72 -9.17
C ASP B 26 33.32 -5.44 -7.82
N SER B 27 34.53 -5.38 -7.26
CA SER B 27 34.82 -6.03 -5.98
C SER B 27 34.09 -5.39 -4.81
N HIS B 28 33.34 -4.31 -5.04
CA HIS B 28 32.55 -3.68 -3.99
C HIS B 28 31.06 -3.88 -4.16
N HIS B 29 30.65 -4.70 -5.14
CA HIS B 29 29.25 -5.07 -5.26
C HIS B 29 28.75 -5.60 -3.91
N PRO B 30 27.58 -5.16 -3.45
CA PRO B 30 27.21 -5.44 -2.04
C PRO B 30 27.07 -6.91 -1.69
N GLU B 31 26.76 -7.77 -2.66
CA GLU B 31 26.59 -9.24 -2.40
C GLU B 31 28.00 -9.86 -2.33
N LEU B 32 28.73 -9.54 -1.26
CA LEU B 32 30.13 -9.86 -1.05
C LEU B 32 30.31 -11.25 -0.47
N PRO B 33 31.44 -11.90 -0.78
CA PRO B 33 31.81 -13.11 -0.02
C PRO B 33 31.90 -12.85 1.47
N GLN B 34 32.35 -11.65 1.87
CA GLN B 34 32.55 -11.35 3.28
C GLN B 34 31.25 -11.22 4.05
N ARG B 35 30.10 -11.27 3.38
CA ARG B 35 28.83 -11.34 4.11
C ARG B 35 28.82 -12.57 5.03
N ILE B 36 29.07 -13.75 4.47
CA ILE B 36 28.96 -14.96 5.27
C ILE B 36 30.14 -15.12 6.21
N SER B 37 31.33 -14.66 5.83
CA SER B 37 32.48 -14.83 6.71
C SER B 37 32.46 -13.87 7.88
N ARG B 38 31.88 -12.68 7.71
CA ARG B 38 31.70 -11.78 8.84
C ARG B 38 30.63 -12.30 9.79
N ILE B 39 29.55 -12.87 9.25
CA ILE B 39 28.51 -13.45 10.09
C ILE B 39 29.08 -14.60 10.91
N PHE B 40 29.78 -15.52 10.25
CA PHE B 40 30.37 -16.66 10.95
C PHE B 40 31.33 -16.18 12.04
N SER B 41 32.19 -15.21 11.69
CA SER B 41 33.16 -14.70 12.66
C SER B 41 32.48 -14.15 13.91
N ARG B 42 31.37 -13.43 13.73
CA ARG B 42 30.68 -12.86 14.89
C ARG B 42 30.05 -13.95 15.75
N HIS B 43 29.63 -15.06 15.13
CA HIS B 43 29.17 -16.20 15.93
C HIS B 43 30.31 -16.80 16.73
N GLU B 44 31.54 -16.70 16.23
CA GLU B 44 32.70 -17.24 16.94
C GLU B 44 33.03 -16.39 18.17
N GLU B 45 33.15 -15.07 17.97
CA GLU B 45 33.53 -14.21 19.07
C GLU B 45 32.44 -14.09 20.13
N LEU B 46 31.20 -14.39 19.79
CA LEU B 46 30.10 -14.33 20.75
C LEU B 46 29.83 -15.67 21.42
N ARG B 47 30.70 -16.66 21.19
CA ARG B 47 30.57 -17.99 21.79
C ARG B 47 29.23 -18.64 21.45
N LEU B 48 28.74 -18.40 20.24
CA LEU B 48 27.53 -19.04 19.75
C LEU B 48 27.79 -20.30 18.94
N LEU B 49 28.82 -20.28 18.10
CA LEU B 49 29.13 -21.45 17.27
C LEU B 49 29.47 -22.66 18.14
N SER B 50 30.18 -22.44 19.25
CA SER B 50 30.55 -23.54 20.13
C SER B 50 29.31 -24.19 20.75
N ARG B 51 28.21 -23.45 20.87
CA ARG B 51 26.99 -23.98 21.44
C ARG B 51 26.12 -24.71 20.43
N CYS B 52 26.44 -24.61 19.13
CA CYS B 52 25.64 -25.21 18.07
C CYS B 52 26.26 -26.53 17.63
N HIS B 53 25.40 -27.43 17.14
CA HIS B 53 25.86 -28.63 16.47
C HIS B 53 26.13 -28.30 15.00
N ARG B 54 27.39 -28.48 14.58
CA ARG B 54 27.80 -28.10 13.24
C ARG B 54 27.28 -29.13 12.23
N ILE B 55 26.58 -28.65 11.22
CA ILE B 55 25.97 -29.50 10.20
C ILE B 55 26.83 -29.42 8.94
N PRO B 56 27.23 -30.55 8.36
CA PRO B 56 28.07 -30.49 7.15
C PRO B 56 27.30 -29.94 5.96
N ALA B 57 27.99 -29.15 5.16
CA ALA B 57 27.43 -28.67 3.90
C ALA B 57 27.57 -29.75 2.84
N ARG B 58 26.73 -29.64 1.80
CA ARG B 58 26.84 -30.53 0.66
C ARG B 58 26.28 -29.84 -0.57
N LEU B 59 26.60 -30.40 -1.73
CA LEU B 59 25.99 -29.94 -2.97
C LEU B 59 24.57 -30.46 -3.08
N ALA B 60 23.69 -29.62 -3.59
CA ALA B 60 22.42 -30.13 -4.09
C ALA B 60 22.65 -30.85 -5.42
N THR B 61 21.82 -31.84 -5.70
CA THR B 61 21.91 -32.53 -6.98
C THR B 61 20.96 -31.88 -8.00
N GLU B 62 21.26 -32.13 -9.28
CA GLU B 62 20.41 -31.59 -10.33
C GLU B 62 18.98 -32.11 -10.22
N GLU B 63 18.81 -33.34 -9.74
CA GLU B 63 17.47 -33.86 -9.51
C GLU B 63 16.77 -33.10 -8.39
N GLU B 64 17.53 -32.68 -7.37
CA GLU B 64 16.94 -31.89 -6.30
C GLU B 64 16.59 -30.48 -6.78
N LEU B 65 17.46 -29.87 -7.59
CA LEU B 65 17.14 -28.58 -8.19
C LEU B 65 15.85 -28.66 -8.99
N ALA B 66 15.60 -29.79 -9.65
CA ALA B 66 14.40 -29.98 -10.47
C ALA B 66 13.12 -30.04 -9.65
N LEU B 67 13.21 -30.03 -8.32
CA LEU B 67 11.99 -29.93 -7.52
C LEU B 67 11.29 -28.60 -7.75
N CYS B 68 12.05 -27.54 -8.02
CA CYS B 68 11.49 -26.23 -8.26
C CYS B 68 11.91 -25.60 -9.59
N HIS B 69 13.01 -26.03 -10.19
CA HIS B 69 13.55 -25.36 -11.37
C HIS B 69 13.46 -26.23 -12.61
N SER B 70 13.34 -25.57 -13.75
CA SER B 70 13.21 -26.23 -15.04
C SER B 70 14.58 -26.72 -15.53
N SER B 71 14.53 -27.71 -16.43
CA SER B 71 15.77 -28.27 -16.96
C SER B 71 16.59 -27.21 -17.68
N LYS B 72 15.93 -26.30 -18.41
CA LYS B 72 16.64 -25.27 -19.14
C LYS B 72 17.44 -24.38 -18.21
N HIS B 73 16.82 -23.92 -17.12
CA HIS B 73 17.48 -23.00 -16.20
C HIS B 73 18.63 -23.68 -15.47
N ILE B 74 18.44 -24.95 -15.06
CA ILE B 74 19.53 -25.69 -14.44
C ILE B 74 20.70 -25.84 -15.41
N SER B 75 20.39 -26.22 -16.65
CA SER B 75 21.45 -26.48 -17.62
CA SER B 75 21.45 -26.47 -17.62
C SER B 75 22.22 -25.20 -17.95
N ILE B 76 21.51 -24.07 -18.05
CA ILE B 76 22.18 -22.81 -18.37
C ILE B 76 23.13 -22.40 -17.25
N ILE B 77 22.63 -22.37 -16.01
CA ILE B 77 23.48 -21.95 -14.91
C ILE B 77 24.60 -22.95 -14.68
N LYS B 78 24.35 -24.24 -14.93
CA LYS B 78 25.43 -25.22 -14.85
C LYS B 78 26.51 -24.92 -15.87
N SER B 79 26.11 -24.56 -17.09
CA SER B 79 27.09 -24.30 -18.15
C SER B 79 28.00 -23.14 -17.81
N SER B 80 27.54 -22.21 -16.96
CA SER B 80 28.35 -21.02 -16.65
C SER B 80 29.66 -21.38 -15.98
N GLU B 81 29.75 -22.53 -15.30
CA GLU B 81 30.97 -22.93 -14.62
C GLU B 81 32.17 -23.00 -15.55
N HIS B 82 31.96 -23.22 -16.85
CA HIS B 82 33.05 -23.41 -17.79
C HIS B 82 33.19 -22.26 -18.78
N MET B 83 32.55 -21.12 -18.51
CA MET B 83 32.54 -20.02 -19.46
C MET B 83 33.75 -19.11 -19.29
N LYS B 84 34.14 -18.47 -20.39
CA LYS B 84 35.11 -17.39 -20.32
C LYS B 84 34.53 -16.24 -19.50
N PRO B 85 35.38 -15.51 -18.77
CA PRO B 85 34.86 -14.43 -17.91
C PRO B 85 33.98 -13.42 -18.65
N ARG B 86 34.29 -13.11 -19.90
CA ARG B 86 33.49 -12.16 -20.65
C ARG B 86 32.17 -12.75 -21.11
N ASP B 87 32.15 -14.04 -21.45
CA ASP B 87 30.88 -14.70 -21.73
C ASP B 87 30.00 -14.73 -20.48
N LEU B 88 30.61 -14.91 -19.31
CA LEU B 88 29.87 -14.82 -18.06
C LEU B 88 29.28 -13.43 -17.87
N ASN B 89 29.99 -12.39 -18.32
CA ASN B 89 29.45 -11.04 -18.20
C ASN B 89 28.20 -10.88 -19.05
N ARG B 90 28.22 -11.40 -20.29
CA ARG B 90 27.07 -11.28 -21.16
C ARG B 90 25.89 -12.10 -20.64
N LEU B 91 26.15 -13.31 -20.15
CA LEU B 91 25.10 -14.12 -19.57
C LEU B 91 24.46 -13.41 -18.38
N GLY B 92 25.29 -12.90 -17.47
CA GLY B 92 24.76 -12.21 -16.31
C GLY B 92 23.90 -11.01 -16.66
N ASP B 93 24.29 -10.27 -17.70
CA ASP B 93 23.50 -9.12 -18.13
C ASP B 93 22.12 -9.51 -18.63
N GLU B 94 21.95 -10.77 -19.08
CA GLU B 94 20.64 -11.22 -19.54
C GLU B 94 19.64 -11.39 -18.42
N TYR B 95 20.07 -11.34 -17.17
CA TYR B 95 19.16 -11.41 -16.04
C TYR B 95 19.06 -10.06 -15.36
N ASN B 96 18.08 -9.96 -14.47
CA ASN B 96 17.83 -8.73 -13.72
C ASN B 96 18.68 -8.76 -12.43
N SER B 97 19.67 -7.89 -12.37
CA SER B 97 20.57 -7.75 -11.21
C SER B 97 21.22 -9.10 -10.86
N ILE B 98 22.11 -9.53 -11.74
CA ILE B 98 22.81 -10.80 -11.59
C ILE B 98 24.25 -10.66 -12.09
N PHE B 99 25.22 -11.05 -11.26
CA PHE B 99 26.60 -11.24 -11.69
C PHE B 99 26.97 -12.70 -11.52
N ILE B 100 27.86 -13.19 -12.40
CA ILE B 100 28.24 -14.59 -12.43
C ILE B 100 29.75 -14.71 -12.48
N SER B 101 30.28 -15.70 -11.78
CA SER B 101 31.68 -16.13 -11.87
C SER B 101 31.70 -17.62 -12.17
N ASN B 102 32.90 -18.17 -12.35
CA ASN B 102 33.02 -19.58 -12.69
C ASN B 102 32.64 -20.50 -11.53
N GLU B 103 32.58 -19.97 -10.31
CA GLU B 103 32.24 -20.74 -9.13
C GLU B 103 30.79 -20.53 -8.69
N SER B 104 30.04 -19.68 -9.39
CA SER B 104 28.68 -19.33 -8.96
C SER B 104 27.81 -20.58 -8.83
N TYR B 105 27.77 -21.39 -9.89
CA TYR B 105 26.91 -22.58 -9.89
C TYR B 105 27.21 -23.47 -8.70
N THR B 106 28.50 -23.70 -8.41
CA THR B 106 28.87 -24.54 -7.28
C THR B 106 28.38 -23.97 -5.96
N CYS B 107 28.53 -22.66 -5.76
CA CYS B 107 28.11 -22.04 -4.51
C CYS B 107 26.60 -22.05 -4.34
N ALA B 108 25.85 -21.95 -5.45
CA ALA B 108 24.40 -22.09 -5.37
C ALA B 108 24.03 -23.50 -4.96
N LEU B 109 24.74 -24.50 -5.50
CA LEU B 109 24.52 -25.88 -5.11
C LEU B 109 24.79 -26.09 -3.63
N LEU B 110 25.87 -25.50 -3.12
CA LEU B 110 26.18 -25.65 -1.70
C LEU B 110 25.17 -24.93 -0.84
N ALA B 111 24.67 -23.77 -1.29
CA ALA B 111 23.66 -23.06 -0.50
C ALA B 111 22.42 -23.92 -0.30
N ALA B 112 21.95 -24.57 -1.36
CA ALA B 112 20.77 -25.42 -1.23
C ALA B 112 21.07 -26.67 -0.44
N GLY B 113 22.19 -27.34 -0.74
CA GLY B 113 22.53 -28.57 -0.05
C GLY B 113 22.75 -28.37 1.44
N SER B 114 23.34 -27.23 1.81
CA SER B 114 23.43 -26.85 3.22
C SER B 114 22.06 -26.89 3.88
N CYS B 115 21.07 -26.28 3.22
CA CYS B 115 19.73 -26.17 3.80
C CYS B 115 18.97 -27.48 3.72
N PHE B 116 19.22 -28.30 2.69
CA PHE B 116 18.67 -29.66 2.68
C PHE B 116 19.16 -30.44 3.90
N ASN B 117 20.49 -30.50 4.06
CA ASN B 117 21.07 -31.21 5.21
C ASN B 117 20.53 -30.69 6.53
N SER B 118 20.31 -29.37 6.62
CA SER B 118 19.85 -28.78 7.86
C SER B 118 18.37 -29.10 8.12
N ALA B 119 17.56 -29.07 7.07
CA ALA B 119 16.15 -29.44 7.23
C ALA B 119 16.02 -30.92 7.56
N GLN B 120 16.87 -31.76 6.97
CA GLN B 120 16.89 -33.17 7.31
C GLN B 120 17.26 -33.37 8.78
N ALA B 121 18.27 -32.63 9.26
CA ALA B 121 18.65 -32.74 10.67
C ALA B 121 17.48 -32.40 11.58
N ILE B 122 16.71 -31.37 11.23
CA ILE B 122 15.56 -30.98 12.04
C ILE B 122 14.49 -32.06 12.00
N LEU B 123 14.10 -32.48 10.80
CA LEU B 123 12.97 -33.40 10.64
C LEU B 123 13.27 -34.80 11.14
N THR B 124 14.54 -35.19 11.25
CA THR B 124 14.88 -36.51 11.74
C THR B 124 15.21 -36.53 13.23
N GLY B 125 15.17 -35.37 13.90
CA GLY B 125 15.32 -35.31 15.34
C GLY B 125 16.72 -35.05 15.84
N GLN B 126 17.70 -34.88 14.95
CA GLN B 126 19.08 -34.66 15.39
C GLN B 126 19.24 -33.30 16.05
N VAL B 127 18.56 -32.27 15.53
CA VAL B 127 18.57 -30.94 16.11
C VAL B 127 17.13 -30.45 16.19
N ARG B 128 16.90 -29.51 17.10
CA ARG B 128 15.59 -28.89 17.23
C ARG B 128 15.36 -27.86 16.14
N ASN B 129 16.30 -26.93 15.97
CA ASN B 129 16.23 -25.87 14.97
C ASN B 129 17.63 -25.64 14.43
N ALA B 130 17.75 -24.78 13.41
CA ALA B 130 19.05 -24.60 12.77
C ALA B 130 19.13 -23.24 12.08
N VAL B 131 20.36 -22.86 11.75
CA VAL B 131 20.66 -21.59 11.08
C VAL B 131 21.68 -21.86 9.97
N ALA B 132 21.41 -21.33 8.78
CA ALA B 132 22.22 -21.57 7.59
C ALA B 132 22.81 -20.25 7.12
N ILE B 133 24.13 -20.13 7.20
CA ILE B 133 24.85 -18.93 6.76
C ILE B 133 25.34 -19.24 5.35
N VAL B 134 24.52 -18.90 4.36
CA VAL B 134 24.75 -19.31 2.98
C VAL B 134 24.67 -18.11 2.06
N ARG B 135 25.39 -18.20 0.94
CA ARG B 135 25.31 -17.28 -0.18
C ARG B 135 25.64 -18.05 -1.44
N PRO B 136 25.16 -17.60 -2.60
CA PRO B 136 24.27 -16.46 -2.88
C PRO B 136 22.84 -16.69 -2.38
N PRO B 137 21.99 -15.63 -2.22
CA PRO B 137 20.60 -15.83 -1.83
C PRO B 137 19.74 -16.55 -2.84
N GLY B 138 18.43 -16.73 -2.55
CA GLY B 138 17.56 -17.48 -3.45
C GLY B 138 16.14 -16.96 -3.70
N HIS B 139 15.52 -16.24 -2.77
CA HIS B 139 14.06 -15.87 -2.85
C HIS B 139 13.61 -15.21 -4.18
N HIS B 140 14.51 -14.50 -4.85
CA HIS B 140 14.18 -13.87 -6.16
C HIS B 140 14.28 -14.86 -7.33
N ALA B 141 14.79 -16.06 -7.10
CA ALA B 141 15.00 -17.00 -8.20
C ALA B 141 13.68 -17.65 -8.58
N GLU B 142 13.37 -17.64 -9.88
CA GLU B 142 12.13 -18.19 -10.41
C GLU B 142 12.36 -19.63 -10.88
N LYS B 143 11.29 -20.26 -11.34
CA LYS B 143 11.38 -21.64 -11.82
C LYS B 143 12.38 -21.76 -12.98
N ASP B 144 12.45 -20.73 -13.83
CA ASP B 144 13.27 -20.85 -15.03
C ASP B 144 14.17 -19.64 -15.25
N THR B 145 14.50 -18.92 -14.17
CA THR B 145 15.39 -17.78 -14.35
C THR B 145 16.04 -17.33 -13.07
N ALA B 146 17.20 -16.74 -13.22
CA ALA B 146 17.89 -16.13 -12.10
C ALA B 146 17.53 -14.65 -12.01
N CYS B 147 17.68 -14.09 -10.82
CA CYS B 147 17.19 -12.75 -10.54
C CYS B 147 17.72 -12.28 -9.20
N GLY B 148 18.05 -10.98 -9.12
CA GLY B 148 18.41 -10.34 -7.87
C GLY B 148 19.38 -11.11 -6.99
N PHE B 149 20.56 -11.41 -7.53
CA PHE B 149 21.67 -12.09 -6.87
C PHE B 149 21.35 -13.56 -6.55
N CYS B 150 20.18 -14.05 -6.95
CA CYS B 150 19.75 -15.41 -6.69
C CYS B 150 19.81 -16.23 -7.98
N PHE B 151 20.29 -17.46 -7.87
CA PHE B 151 20.34 -18.40 -8.98
C PHE B 151 19.33 -19.54 -8.82
N PHE B 152 19.26 -20.15 -7.65
CA PHE B 152 18.24 -21.13 -7.32
C PHE B 152 17.57 -20.72 -6.02
N ASN B 153 16.27 -21.00 -5.91
CA ASN B 153 15.50 -20.57 -4.75
C ASN B 153 15.74 -21.54 -3.61
N THR B 154 16.71 -21.19 -2.77
CA THR B 154 17.16 -22.08 -1.70
C THR B 154 16.02 -22.45 -0.75
N ALA B 155 15.21 -21.47 -0.35
CA ALA B 155 14.15 -21.73 0.61
C ALA B 155 13.01 -22.52 -0.01
N ALA B 156 12.69 -22.25 -1.28
CA ALA B 156 11.64 -23.00 -1.95
C ALA B 156 12.07 -24.43 -2.20
N LEU B 157 13.32 -24.63 -2.62
CA LEU B 157 13.82 -25.98 -2.83
C LEU B 157 13.85 -26.77 -1.54
N THR B 158 14.14 -26.12 -0.41
CA THR B 158 14.21 -26.82 0.86
C THR B 158 12.83 -27.23 1.34
N ALA B 159 11.80 -26.41 1.08
CA ALA B 159 10.44 -26.82 1.38
C ALA B 159 10.09 -28.10 0.63
N ARG B 160 10.38 -28.14 -0.67
CA ARG B 160 10.10 -29.33 -1.47
C ARG B 160 10.97 -30.50 -1.06
N TYR B 161 12.25 -30.22 -0.73
CA TYR B 161 13.11 -31.30 -0.24
C TYR B 161 12.56 -31.89 1.05
N ALA B 162 12.16 -31.04 1.99
CA ALA B 162 11.61 -31.52 3.25
C ALA B 162 10.41 -32.43 3.02
N GLN B 163 9.55 -32.07 2.06
CA GLN B 163 8.40 -32.91 1.75
C GLN B 163 8.83 -34.23 1.13
N SER B 164 9.86 -34.21 0.28
CA SER B 164 10.28 -35.43 -0.38
C SER B 164 10.81 -36.48 0.60
N ILE B 165 11.28 -36.05 1.78
CA ILE B 165 11.79 -37.00 2.76
C ILE B 165 10.81 -37.25 3.90
N THR B 166 9.67 -36.56 3.93
CA THR B 166 8.64 -36.84 4.93
C THR B 166 7.35 -37.28 4.25
N ARG B 167 6.61 -36.36 3.64
CA ARG B 167 5.44 -36.66 2.83
C ARG B 167 5.05 -35.39 2.10
N GLU B 168 4.27 -35.54 1.03
CA GLU B 168 3.94 -34.37 0.22
C GLU B 168 2.97 -33.43 0.91
N SER B 169 2.24 -33.91 1.92
CA SER B 169 1.31 -33.05 2.65
C SER B 169 1.96 -32.34 3.84
N LEU B 170 3.27 -32.48 4.00
CA LEU B 170 3.95 -31.78 5.08
C LEU B 170 3.76 -30.27 4.92
N ARG B 171 3.27 -29.64 5.98
CA ARG B 171 2.90 -28.23 5.95
C ARG B 171 4.13 -27.39 6.29
N VAL B 172 4.63 -26.65 5.31
CA VAL B 172 5.80 -25.79 5.49
C VAL B 172 5.36 -24.34 5.46
N LEU B 173 5.71 -23.60 6.50
CA LEU B 173 5.55 -22.15 6.53
C LEU B 173 6.89 -21.52 6.14
N ILE B 174 6.85 -20.58 5.20
CA ILE B 174 8.02 -19.84 4.77
C ILE B 174 7.77 -18.38 5.06
N VAL B 175 8.39 -17.86 6.12
CA VAL B 175 8.32 -16.43 6.43
C VAL B 175 9.54 -15.76 5.81
N ASP B 176 9.29 -14.82 4.91
CA ASP B 176 10.33 -14.12 4.16
C ASP B 176 10.38 -12.69 4.70
N TRP B 177 11.22 -12.46 5.71
CA TRP B 177 11.37 -11.12 6.26
C TRP B 177 12.56 -10.38 5.68
N ASP B 178 13.12 -10.87 4.59
CA ASP B 178 14.00 -10.05 3.75
C ASP B 178 13.23 -8.81 3.29
N VAL B 179 13.92 -7.67 3.21
CA VAL B 179 13.22 -6.42 2.92
C VAL B 179 12.64 -6.42 1.51
N HIS B 180 13.17 -7.23 0.60
CA HIS B 180 12.62 -7.36 -0.73
C HIS B 180 11.62 -8.51 -0.80
N HIS B 181 10.68 -8.42 -1.72
CA HIS B 181 9.69 -9.46 -1.87
C HIS B 181 10.29 -10.66 -2.59
N GLY B 182 9.99 -11.86 -2.08
CA GLY B 182 10.45 -13.08 -2.71
C GLY B 182 9.55 -13.51 -3.86
N ASN B 183 9.70 -12.84 -5.00
CA ASN B 183 8.86 -13.16 -6.16
C ASN B 183 8.98 -14.62 -6.55
N GLY B 184 10.18 -15.18 -6.45
CA GLY B 184 10.36 -16.58 -6.83
C GLY B 184 9.62 -17.53 -5.91
N THR B 185 9.71 -17.31 -4.60
CA THR B 185 9.02 -18.18 -3.65
C THR B 185 7.51 -18.08 -3.80
N GLN B 186 6.98 -16.87 -3.92
CA GLN B 186 5.54 -16.70 -4.08
C GLN B 186 5.03 -17.38 -5.35
N HIS B 187 5.76 -17.23 -6.46
CA HIS B 187 5.32 -17.85 -7.70
C HIS B 187 5.38 -19.36 -7.63
N ILE B 188 6.42 -19.90 -6.99
CA ILE B 188 6.61 -21.36 -6.98
C ILE B 188 5.48 -22.06 -6.22
N PHE B 189 4.98 -21.44 -5.16
CA PHE B 189 3.94 -22.05 -4.33
C PHE B 189 2.59 -21.37 -4.47
N GLU B 190 2.38 -20.59 -5.54
CA GLU B 190 1.19 -19.73 -5.61
C GLU B 190 -0.10 -20.56 -5.62
N GLU B 191 -0.09 -21.70 -6.30
CA GLU B 191 -1.23 -22.60 -6.32
C GLU B 191 -1.11 -23.72 -5.29
N ASP B 192 -0.15 -23.62 -4.38
CA ASP B 192 0.20 -24.70 -3.46
C ASP B 192 -0.34 -24.38 -2.07
N ASP B 193 -1.21 -25.25 -1.56
CA ASP B 193 -1.75 -25.08 -0.22
C ASP B 193 -0.98 -25.85 0.84
N SER B 194 0.08 -26.56 0.46
CA SER B 194 0.91 -27.24 1.44
C SER B 194 2.07 -26.39 1.94
N VAL B 195 2.30 -25.22 1.32
CA VAL B 195 3.36 -24.31 1.70
C VAL B 195 2.77 -22.93 1.84
N LEU B 196 2.73 -22.40 3.07
CA LEU B 196 2.24 -21.06 3.34
C LEU B 196 3.38 -20.07 3.17
N TYR B 197 3.23 -19.11 2.28
CA TYR B 197 4.23 -18.08 2.03
C TYR B 197 3.77 -16.77 2.64
N ILE B 198 4.59 -16.20 3.52
CA ILE B 198 4.31 -14.93 4.17
C ILE B 198 5.55 -14.04 3.98
N SER B 199 5.37 -12.89 3.36
CA SER B 199 6.48 -11.98 3.10
C SER B 199 6.16 -10.58 3.57
N LEU B 200 7.07 -10.01 4.36
CA LEU B 200 7.09 -8.59 4.67
C LEU B 200 8.15 -7.94 3.81
N HIS B 201 7.82 -6.79 3.21
CA HIS B 201 8.74 -6.22 2.23
C HIS B 201 8.38 -4.79 1.91
N ARG B 202 9.41 -3.96 1.74
CA ARG B 202 9.22 -2.62 1.20
C ARG B 202 8.66 -2.73 -0.22
N TYR B 203 7.65 -1.92 -0.52
CA TYR B 203 6.92 -2.08 -1.77
C TYR B 203 6.86 -0.78 -2.57
N GLU B 204 6.41 0.30 -1.93
CA GLU B 204 6.34 1.63 -2.57
C GLU B 204 5.59 1.57 -3.89
N ASP B 205 4.50 0.82 -3.90
CA ASP B 205 3.65 0.64 -5.09
C ASP B 205 4.47 0.31 -6.34
N GLY B 206 5.33 -0.70 -6.21
CA GLY B 206 6.07 -1.22 -7.33
C GLY B 206 7.38 -0.52 -7.63
N ALA B 207 7.70 0.57 -6.95
CA ALA B 207 8.94 1.29 -7.24
C ALA B 207 10.16 0.64 -6.60
N PHE B 208 9.98 -0.28 -5.67
CA PHE B 208 11.08 -0.95 -5.01
C PHE B 208 11.27 -2.34 -5.60
N PHE B 209 12.53 -2.71 -5.83
CA PHE B 209 12.87 -4.01 -6.40
C PHE B 209 12.13 -5.12 -5.65
N PRO B 210 11.69 -6.19 -6.33
CA PRO B 210 11.82 -6.51 -7.76
C PRO B 210 10.83 -5.78 -8.67
N ASN B 211 10.20 -4.71 -8.18
CA ASN B 211 9.50 -3.73 -9.02
C ASN B 211 8.24 -4.32 -9.66
N SER B 212 7.49 -5.12 -8.92
CA SER B 212 6.32 -5.80 -9.47
C SER B 212 5.15 -5.71 -8.51
N GLU B 213 3.94 -5.56 -9.07
CA GLU B 213 2.74 -5.52 -8.25
C GLU B 213 2.35 -6.90 -7.71
N ASP B 214 3.06 -7.96 -8.12
CA ASP B 214 2.87 -9.27 -7.50
C ASP B 214 3.06 -9.21 -6.00
N ALA B 215 3.90 -8.30 -5.51
CA ALA B 215 4.16 -8.17 -4.08
C ALA B 215 3.03 -7.48 -3.32
N ASN B 216 1.95 -7.07 -3.97
CA ASN B 216 0.97 -6.31 -3.22
C ASN B 216 0.08 -7.23 -2.39
N TYR B 217 -0.58 -6.63 -1.40
CA TYR B 217 -1.38 -7.38 -0.44
C TYR B 217 -2.53 -8.15 -1.08
N ASP B 218 -3.00 -7.72 -2.25
CA ASP B 218 -4.15 -8.33 -2.89
C ASP B 218 -3.81 -9.60 -3.66
N LYS B 219 -2.54 -10.01 -3.66
CA LYS B 219 -2.15 -11.28 -4.28
C LYS B 219 -2.16 -12.32 -3.17
N VAL B 220 -3.31 -12.99 -3.01
CA VAL B 220 -3.52 -13.90 -1.89
C VAL B 220 -3.36 -15.36 -2.29
N GLY B 221 -3.03 -15.63 -3.55
CA GLY B 221 -2.88 -16.99 -4.03
C GLY B 221 -3.80 -17.27 -5.21
N LEU B 222 -3.62 -18.47 -5.78
CA LEU B 222 -4.37 -18.92 -6.94
C LEU B 222 -4.93 -20.30 -6.67
N GLY B 223 -6.19 -20.53 -7.07
CA GLY B 223 -6.77 -21.85 -7.02
C GLY B 223 -6.76 -22.44 -5.63
N LYS B 224 -6.30 -23.70 -5.53
CA LYS B 224 -6.16 -24.36 -4.23
C LYS B 224 -5.27 -23.57 -3.29
N GLY B 225 -4.34 -22.79 -3.84
CA GLY B 225 -3.44 -21.96 -3.06
C GLY B 225 -4.02 -20.64 -2.59
N ARG B 226 -5.25 -20.31 -2.98
CA ARG B 226 -5.87 -19.07 -2.53
C ARG B 226 -5.94 -19.03 -1.01
N GLY B 227 -5.50 -17.91 -0.45
CA GLY B 227 -5.38 -17.75 0.98
C GLY B 227 -4.02 -18.12 1.53
N TYR B 228 -3.20 -18.85 0.78
CA TYR B 228 -1.92 -19.34 1.25
C TYR B 228 -0.74 -18.51 0.73
N ASN B 229 -0.98 -17.24 0.45
CA ASN B 229 0.07 -16.29 0.07
C ASN B 229 -0.26 -14.97 0.75
N VAL B 230 0.56 -14.55 1.71
CA VAL B 230 0.29 -13.37 2.52
C VAL B 230 1.40 -12.35 2.27
N ASN B 231 1.07 -11.27 1.57
CA ASN B 231 2.00 -10.19 1.30
C ASN B 231 1.72 -9.02 2.21
N ILE B 232 2.74 -8.54 2.91
CA ILE B 232 2.64 -7.39 3.80
C ILE B 232 3.48 -6.26 3.21
N PRO B 233 2.91 -5.42 2.33
CA PRO B 233 3.71 -4.41 1.63
C PRO B 233 3.88 -3.12 2.43
N TRP B 234 5.12 -2.66 2.58
CA TRP B 234 5.35 -1.37 3.21
C TRP B 234 5.39 -0.27 2.17
N ASN B 235 4.74 0.85 2.48
CA ASN B 235 4.82 2.06 1.67
C ASN B 235 5.22 3.20 2.58
N GLY B 236 5.86 4.22 1.99
CA GLY B 236 6.21 5.41 2.74
C GLY B 236 7.53 5.39 3.46
N GLY B 237 8.51 4.64 2.97
CA GLY B 237 9.84 4.72 3.50
C GLY B 237 10.12 3.95 4.78
N LYS B 238 10.94 4.55 5.64
CA LYS B 238 11.60 3.83 6.73
C LYS B 238 10.61 3.17 7.67
N MET B 239 10.80 1.86 7.91
CA MET B 239 10.05 1.10 8.89
C MET B 239 11.02 0.43 9.86
N GLY B 240 10.54 0.13 11.06
CA GLY B 240 11.40 -0.48 12.06
C GLY B 240 10.75 -1.54 12.90
N ASP B 241 11.31 -1.78 14.09
CA ASP B 241 10.78 -2.77 15.03
C ASP B 241 9.28 -2.64 15.28
N PRO B 242 8.71 -1.46 15.56
CA PRO B 242 7.28 -1.41 15.89
C PRO B 242 6.38 -1.90 14.77
N GLU B 243 6.68 -1.51 13.53
CA GLU B 243 5.88 -1.98 12.39
C GLU B 243 6.00 -3.49 12.23
N TYR B 244 7.19 -4.04 12.43
CA TYR B 244 7.36 -5.47 12.25
C TYR B 244 6.77 -6.27 13.40
N MET B 245 6.93 -5.78 14.64
CA MET B 245 6.27 -6.41 15.79
C MET B 245 4.76 -6.41 15.61
N ALA B 246 4.20 -5.29 15.14
CA ALA B 246 2.76 -5.21 14.94
C ALA B 246 2.30 -6.13 13.81
N ALA B 247 3.13 -6.30 12.78
CA ALA B 247 2.76 -7.20 11.69
C ALA B 247 2.76 -8.65 12.15
N PHE B 248 3.76 -9.05 12.95
CA PHE B 248 3.76 -10.40 13.51
C PHE B 248 2.56 -10.61 14.42
N HIS B 249 2.17 -9.59 15.18
CA HIS B 249 1.09 -9.73 16.15
C HIS B 249 -0.25 -9.87 15.45
N HIS B 250 -0.57 -8.97 14.53
CA HIS B 250 -1.89 -8.96 13.92
C HIS B 250 -2.02 -9.90 12.74
N LEU B 251 -0.91 -10.30 12.11
CA LEU B 251 -0.98 -11.04 10.86
C LEU B 251 -0.19 -12.34 10.87
N VAL B 252 1.13 -12.23 10.99
CA VAL B 252 2.01 -13.38 10.73
C VAL B 252 1.72 -14.52 11.70
N MET B 253 1.64 -14.22 12.99
CA MET B 253 1.48 -15.27 13.99
C MET B 253 0.04 -15.81 14.06
N PRO B 254 -1.01 -14.98 13.92
CA PRO B 254 -2.36 -15.57 13.87
C PRO B 254 -2.57 -16.49 12.69
N ILE B 255 -2.15 -16.06 11.50
CA ILE B 255 -2.26 -16.90 10.30
C ILE B 255 -1.43 -18.16 10.46
N ALA B 256 -0.18 -18.01 10.92
CA ALA B 256 0.70 -19.17 11.03
C ALA B 256 0.13 -20.20 12.01
N ARG B 257 -0.43 -19.75 13.12
CA ARG B 257 -0.98 -20.68 14.11
C ARG B 257 -2.21 -21.41 13.57
N GLU B 258 -3.00 -20.75 12.72
CA GLU B 258 -4.13 -21.42 12.09
C GLU B 258 -3.66 -22.42 11.04
N PHE B 259 -2.59 -22.07 10.32
CA PHE B 259 -2.01 -22.98 9.35
C PHE B 259 -1.42 -24.21 10.01
N ALA B 260 -0.98 -24.09 11.25
CA ALA B 260 -0.35 -25.17 12.00
C ALA B 260 0.78 -25.83 11.22
N PRO B 261 1.85 -25.10 10.92
CA PRO B 261 2.94 -25.70 10.13
C PRO B 261 3.68 -26.75 10.93
N GLU B 262 4.25 -27.70 10.21
CA GLU B 262 5.13 -28.70 10.80
C GLU B 262 6.60 -28.35 10.66
N LEU B 263 6.94 -27.42 9.77
CA LEU B 263 8.30 -26.93 9.62
C LEU B 263 8.25 -25.48 9.18
N VAL B 264 9.10 -24.66 9.77
CA VAL B 264 9.15 -23.23 9.48
C VAL B 264 10.52 -22.91 8.87
N LEU B 265 10.52 -22.46 7.62
CA LEU B 265 11.72 -21.96 6.96
C LEU B 265 11.66 -20.43 6.93
N VAL B 266 12.69 -19.79 7.44
CA VAL B 266 12.77 -18.34 7.44
C VAL B 266 13.69 -17.91 6.31
N SER B 267 13.13 -17.23 5.31
CA SER B 267 13.94 -16.52 4.33
C SER B 267 14.39 -15.25 5.01
N ALA B 268 15.56 -15.32 5.64
CA ALA B 268 15.99 -14.34 6.63
C ALA B 268 17.09 -13.46 6.05
N GLY B 269 16.72 -12.65 5.06
CA GLY B 269 17.55 -11.52 4.70
C GLY B 269 17.57 -10.51 5.84
N PHE B 270 18.68 -9.81 5.96
CA PHE B 270 18.81 -8.79 7.00
C PHE B 270 19.03 -7.41 6.39
N ASP B 271 18.48 -7.20 5.20
CA ASP B 271 18.52 -5.90 4.53
C ASP B 271 17.40 -4.97 4.98
N ALA B 272 16.62 -5.34 5.98
CA ALA B 272 15.75 -4.40 6.66
C ALA B 272 16.38 -3.83 7.93
N ALA B 273 17.67 -4.14 8.17
CA ALA B 273 18.37 -3.63 9.32
C ALA B 273 18.94 -2.25 9.04
N ARG B 274 19.27 -1.56 10.14
CA ARG B 274 19.91 -0.22 10.07
C ARG B 274 21.20 -0.26 9.23
N GLY B 275 21.51 0.81 8.51
CA GLY B 275 22.75 0.88 7.73
C GLY B 275 22.74 0.12 6.40
N ASP B 276 21.58 -0.38 5.98
CA ASP B 276 21.52 -1.19 4.73
C ASP B 276 21.12 -0.29 3.56
N PRO B 277 22.05 0.02 2.64
CA PRO B 277 21.78 0.87 1.45
C PRO B 277 20.67 0.33 0.54
N LEU B 278 20.33 -0.95 0.67
CA LEU B 278 19.37 -1.60 -0.23
C LEU B 278 18.01 -1.81 0.46
N GLY B 279 17.85 -1.29 1.66
CA GLY B 279 16.61 -1.44 2.41
C GLY B 279 16.07 -0.12 2.90
N GLY B 280 16.88 0.60 3.67
CA GLY B 280 16.46 1.92 4.18
C GLY B 280 15.60 1.81 5.42
N PHE B 281 15.53 0.62 6.03
CA PHE B 281 14.77 0.37 7.28
C PHE B 281 15.70 0.31 8.50
N GLN B 282 15.10 0.24 9.68
CA GLN B 282 15.88 0.26 10.91
C GLN B 282 15.38 -0.81 11.89
N VAL B 283 15.15 -2.03 11.39
CA VAL B 283 14.91 -3.16 12.28
C VAL B 283 16.20 -3.49 13.02
N THR B 284 16.14 -3.51 14.35
CA THR B 284 17.32 -3.74 15.16
C THR B 284 17.56 -5.23 15.37
N PRO B 285 18.79 -5.61 15.72
CA PRO B 285 19.03 -7.02 16.04
C PRO B 285 18.13 -7.56 17.14
N GLU B 286 17.76 -6.72 18.11
CA GLU B 286 16.81 -7.14 19.15
C GLU B 286 15.43 -7.38 18.56
N GLY B 287 15.01 -6.54 17.61
CA GLY B 287 13.79 -6.82 16.88
C GLY B 287 13.82 -8.15 16.17
N TYR B 288 14.94 -8.45 15.50
CA TYR B 288 15.08 -9.75 14.86
C TYR B 288 15.05 -10.89 15.86
N ALA B 289 15.59 -10.65 17.06
CA ALA B 289 15.53 -11.65 18.12
C ALA B 289 14.08 -11.97 18.48
N HIS B 290 13.24 -10.95 18.61
N HIS B 290 13.23 -10.96 18.60
CA HIS B 290 11.85 -11.18 18.97
CA HIS B 290 11.85 -11.20 18.99
C HIS B 290 11.07 -11.87 17.86
C HIS B 290 11.06 -11.86 17.86
N LEU B 291 11.32 -11.47 16.61
CA LEU B 291 10.68 -12.13 15.48
C LEU B 291 11.04 -13.61 15.45
N THR B 292 12.31 -13.93 15.77
CA THR B 292 12.74 -15.32 15.85
C THR B 292 12.10 -16.04 17.02
N HIS B 293 12.05 -15.38 18.18
CA HIS B 293 11.47 -16.01 19.37
C HIS B 293 9.98 -16.29 19.18
N GLN B 294 9.30 -15.47 18.37
CA GLN B 294 7.89 -15.71 18.12
C GLN B 294 7.68 -16.91 17.20
N LEU B 295 8.49 -17.03 16.14
CA LEU B 295 8.36 -18.17 15.24
C LEU B 295 8.72 -19.48 15.91
N MET B 296 9.53 -19.44 16.98
CA MET B 296 9.89 -20.66 17.69
C MET B 296 8.69 -21.31 18.37
N SER B 297 7.61 -20.56 18.62
CA SER B 297 6.42 -21.19 19.18
C SER B 297 5.67 -22.03 18.16
N LEU B 298 6.16 -22.11 16.91
CA LEU B 298 5.49 -22.83 15.85
C LEU B 298 6.21 -24.15 15.55
N ALA B 299 5.45 -25.13 15.09
CA ALA B 299 6.00 -26.38 14.54
C ALA B 299 6.88 -27.10 15.56
N ALA B 300 6.50 -27.01 16.84
CA ALA B 300 7.25 -27.63 17.93
C ALA B 300 8.71 -27.18 17.94
N GLY B 301 8.96 -25.98 17.44
CA GLY B 301 10.30 -25.42 17.43
C GLY B 301 11.12 -25.72 16.20
N ARG B 302 10.57 -26.44 15.22
CA ARG B 302 11.29 -26.74 13.99
C ARG B 302 11.43 -25.49 13.14
N VAL B 303 12.53 -24.75 13.33
CA VAL B 303 12.75 -23.49 12.61
C VAL B 303 14.13 -23.54 11.96
N LEU B 304 14.15 -23.37 10.64
CA LEU B 304 15.39 -23.29 9.85
C LEU B 304 15.54 -21.83 9.35
N ILE B 305 16.49 -21.11 9.91
CA ILE B 305 16.77 -19.71 9.48
C ILE B 305 17.78 -19.72 8.31
N ILE B 306 17.35 -19.18 7.20
CA ILE B 306 18.20 -19.18 6.00
C ILE B 306 18.58 -17.74 5.61
N LEU B 307 19.88 -17.44 5.65
CA LEU B 307 20.35 -16.10 5.24
C LEU B 307 19.90 -15.81 3.81
N GLU B 308 19.28 -14.68 3.58
CA GLU B 308 18.98 -14.28 2.17
C GLU B 308 19.85 -13.04 1.90
N GLY B 309 19.21 -11.87 1.83
CA GLY B 309 19.95 -10.61 1.63
C GLY B 309 20.55 -10.07 2.91
N GLY B 310 20.87 -8.78 2.93
CA GLY B 310 21.55 -8.19 4.08
C GLY B 310 22.93 -7.76 3.62
N TYR B 311 23.16 -6.44 3.50
CA TYR B 311 24.39 -5.92 2.83
C TYR B 311 25.29 -5.08 3.75
N ASN B 312 24.74 -4.64 4.88
CA ASN B 312 25.62 -4.02 5.86
C ASN B 312 26.32 -5.12 6.65
N LEU B 313 27.64 -5.22 6.52
CA LEU B 313 28.36 -6.35 7.08
C LEU B 313 28.20 -6.43 8.59
N THR B 314 28.31 -5.30 9.28
CA THR B 314 28.14 -5.29 10.73
C THR B 314 26.70 -5.62 11.10
N SER B 315 25.75 -4.94 10.47
CA SER B 315 24.31 -5.13 10.83
C SER B 315 23.89 -6.60 10.65
N ILE B 316 24.29 -7.25 9.56
CA ILE B 316 23.88 -8.63 9.35
C ILE B 316 24.60 -9.57 10.30
N SER B 317 25.82 -9.23 10.72
CA SER B 317 26.51 -10.04 11.72
C SER B 317 25.79 -9.99 13.06
N GLU B 318 25.49 -8.78 13.54
CA GLU B 318 24.80 -8.61 14.82
C GLU B 318 23.42 -9.22 14.77
N SER B 319 22.70 -9.04 13.66
CA SER B 319 21.30 -9.44 13.61
C SER B 319 21.14 -10.95 13.56
N MET B 320 21.90 -11.62 12.68
CA MET B 320 21.77 -13.07 12.58
C MET B 320 22.30 -13.75 13.83
N SER B 321 23.34 -13.19 14.47
CA SER B 321 23.79 -13.72 15.75
CA SER B 321 23.79 -13.75 15.74
C SER B 321 22.69 -13.64 16.79
N MET B 322 21.90 -12.56 16.74
CA MET B 322 20.78 -12.43 17.68
C MET B 322 19.75 -13.52 17.47
N CYS B 323 19.48 -13.89 16.23
CA CYS B 323 18.51 -14.94 15.95
C CYS B 323 19.02 -16.29 16.43
N THR B 324 20.28 -16.61 16.14
CA THR B 324 20.87 -17.86 16.62
C THR B 324 20.84 -17.93 18.14
N SER B 325 21.13 -16.81 18.80
CA SER B 325 21.01 -16.74 20.26
C SER B 325 19.61 -17.13 20.72
N MET B 326 18.58 -16.72 19.98
CA MET B 326 17.22 -17.08 20.34
C MET B 326 16.96 -18.57 20.10
N LEU B 327 17.44 -19.09 18.98
CA LEU B 327 17.29 -20.53 18.71
C LEU B 327 17.92 -21.37 19.81
N LEU B 328 19.02 -20.89 20.39
CA LEU B 328 19.68 -21.60 21.48
C LEU B 328 18.90 -21.52 22.79
N GLY B 329 17.87 -20.69 22.86
CA GLY B 329 17.05 -20.59 24.04
C GLY B 329 17.32 -19.41 24.94
N ASP B 330 18.19 -18.48 24.54
CA ASP B 330 18.51 -17.34 25.38
C ASP B 330 17.30 -16.42 25.53
N SER B 331 17.23 -15.75 26.67
CA SER B 331 16.10 -14.88 26.95
C SER B 331 16.04 -13.74 25.94
N PRO B 332 14.87 -13.43 25.40
CA PRO B 332 14.74 -12.29 24.48
C PRO B 332 15.18 -11.01 25.15
N PRO B 333 15.84 -10.12 24.41
CA PRO B 333 16.27 -8.84 25.01
C PRO B 333 15.09 -7.92 25.25
N PRO B 340 3.97 3.66 18.86
CA PRO B 340 2.99 3.85 17.79
C PRO B 340 3.61 3.70 16.40
N LEU B 341 2.78 3.24 15.47
CA LEU B 341 3.23 2.96 14.12
C LEU B 341 3.15 4.20 13.26
N LYS B 342 3.93 4.20 12.18
CA LYS B 342 3.71 5.18 11.13
C LYS B 342 2.34 4.93 10.51
N THR B 343 1.67 6.01 10.10
CA THR B 343 0.32 5.88 9.56
C THR B 343 0.27 4.90 8.40
N SER B 344 1.25 4.97 7.50
CA SER B 344 1.25 4.11 6.33
C SER B 344 1.31 2.63 6.72
N ALA B 345 2.08 2.30 7.76
CA ALA B 345 2.18 0.92 8.21
C ALA B 345 0.85 0.43 8.75
N THR B 346 0.13 1.28 9.48
CA THR B 346 -1.21 0.94 9.91
C THR B 346 -2.12 0.64 8.73
N VAL B 347 -2.02 1.44 7.67
CA VAL B 347 -2.81 1.19 6.46
C VAL B 347 -2.43 -0.15 5.85
N SER B 348 -1.13 -0.44 5.77
CA SER B 348 -0.68 -1.69 5.18
C SER B 348 -1.21 -2.90 5.95
N ILE B 349 -1.05 -2.88 7.28
CA ILE B 349 -1.54 -3.99 8.10
C ILE B 349 -3.04 -4.15 7.95
N ASN B 350 -3.76 -3.03 7.87
CA ASN B 350 -5.25 -3.02 7.74
C ASN B 350 -5.64 -3.64 6.39
N ASN B 351 -4.84 -3.36 5.36
CA ASN B 351 -5.18 -3.87 4.03
C ASN B 351 -4.98 -5.38 3.95
N VAL B 352 -3.96 -5.91 4.62
CA VAL B 352 -3.74 -7.35 4.59
C VAL B 352 -4.78 -8.07 5.43
N LEU B 353 -5.07 -7.54 6.62
CA LEU B 353 -6.14 -8.07 7.47
C LEU B 353 -7.45 -8.18 6.69
N ARG B 354 -7.80 -7.12 5.95
CA ARG B 354 -9.04 -7.14 5.19
C ARG B 354 -8.98 -8.15 4.06
N ALA B 355 -7.87 -8.18 3.32
CA ALA B 355 -7.76 -9.08 2.17
C ALA B 355 -7.76 -10.54 2.59
N HIS B 356 -7.31 -10.85 3.81
CA HIS B 356 -7.17 -12.23 4.24
C HIS B 356 -8.22 -12.68 5.24
N ALA B 357 -9.10 -11.79 5.67
CA ALA B 357 -10.26 -12.19 6.47
C ALA B 357 -11.03 -13.37 5.88
N PRO B 358 -11.31 -13.44 4.57
CA PRO B 358 -12.08 -14.60 4.07
C PRO B 358 -11.42 -15.94 4.31
N PHE B 359 -10.09 -15.98 4.39
CA PHE B 359 -9.37 -17.25 4.44
C PHE B 359 -8.90 -17.63 5.83
N TRP B 360 -8.78 -16.67 6.75
CA TRP B 360 -8.21 -16.91 8.08
C TRP B 360 -9.22 -16.44 9.13
N SER B 361 -10.03 -17.39 9.62
CA SER B 361 -11.05 -17.10 10.60
C SER B 361 -10.48 -16.51 11.89
N SER B 362 -9.18 -16.65 12.12
CA SER B 362 -8.57 -16.10 13.34
C SER B 362 -8.24 -14.62 13.22
N LEU B 363 -8.36 -14.02 12.04
CA LEU B 363 -8.00 -12.62 11.88
C LEU B 363 -9.12 -11.69 12.35
#